data_5LSK
#
_entry.id   5LSK
#
_cell.length_a   146.010
_cell.length_b   112.690
_cell.length_c   90.810
_cell.angle_alpha   90.000
_cell.angle_beta   114.180
_cell.angle_gamma   90.000
#
_symmetry.space_group_name_H-M   'C 1 2 1'
#
loop_
_entity.id
_entity.type
_entity.pdbx_description
1 polymer 'Protein MIS12 homolog'
2 polymer 'Polyamine-modulated factor 1'
3 polymer 'Kinetochore-associated protein DSN1 homolog'
4 polymer 'Kinetochore-associated protein NSL1 homolog'
5 polymer 'Centromere protein C'
6 water water
#
loop_
_entity_poly.entity_id
_entity_poly.type
_entity_poly.pdbx_seq_one_letter_code
_entity_poly.pdbx_strand_id
1 'polypeptide(L)'
;MSVDPMTYEAQFFGFTPQTCMLRIYIAFQDYLFEVMQAVEQVILKKLDGIPDCDISPVQIRKCTEKFLCFMKGHFDNLFS
KMEQLFLQLILRIPSNILLPEDKCKETPYSEEDFQHLQKEIEQLQEKYKTELCTKQALLAELEEQKIVQAKLKQTLTFFD
ELHNVGRDHGTSDFRESLVSLVQNSRKLQNIRDNVEKESKRLKIS
;
A
2 'polypeptide(L)'
;MTISRVKLLDTMVDTFLQKLVAAGSYQRFTDCYKCFYQLQPAMTQQIYDKFIAQLQTSIREEISDIKEEGNLEAVLNALD
KIVEEGKVRKEPAWRPSGIPEKDLHSVMAPYFLQQRDTLRRHVQKQEAENQQLADAVLAGRRQVEELQLQVQAQQQAWQA
LHREQRELVAVLREPE
;
B
3 'polypeptide(L)'
;MSHQERLQSKSLHLSPQEQSASYQDRRQSWRRASMKETNRRKSLHPIHQGITELSRSISVDLAESKRLGCLLLSSFQFSI
QKLEPFLRDTKGFSLESFRAKASSLSEELKHFADGLETDGTLQKCFEDSNGKASDFSLEASVAEMKEYITKFSLERQTWD
QLLLHYQQEAKEILSRGSTEAKITEVKVEPMTYLGSSQNEVLNTKPDYQKILQNQSKVFDCMELVMDELQGSVKQLQAFM
DESTQCFQKVSVQLGKRSMQQLDPSPARKLLKLQLQNPPAIHGSGSGSCQHHHHHH
;
D
4 'polypeptide(L)'
;MAGSPELVVLDPPWDKELAAGTESQALVSATPREDFRVRCTSKRAVTEMLQLCGRFVQKLGDALPEEIREPALRDAQWTF
ESAVQENISINGQAWQEASDNCFMDSDIKVLEDQFDEIIVDIATKRKQYPRKILECVIKTIKAKQEILKQYHPVVHPLDL
KYDPDPAPHMENLKCRGETVAKEISEAMKSLPALIEQGEGFSQVLR
;
N
5 'polypeptide(L)' GPLGSMAASGLDHLKNGYRRRFCRPSRARDINTEQGQNVLEILQDCFEEKSLANDFSTNSTKSVPNSTRKIKDTCI P
#
# COMPACT_ATOMS: atom_id res chain seq x y z
N SER A 2 25.18 14.27 8.85
CA SER A 2 26.11 13.18 8.52
C SER A 2 25.38 11.84 8.42
N VAL A 3 26.14 10.77 8.64
CA VAL A 3 25.71 9.37 8.51
C VAL A 3 24.67 9.21 7.42
N ASP A 4 25.14 9.11 6.17
CA ASP A 4 24.25 8.99 5.03
C ASP A 4 24.06 7.53 4.67
N PRO A 5 22.86 6.96 4.80
CA PRO A 5 22.67 5.55 4.44
C PRO A 5 22.70 5.30 2.95
N MET A 6 22.45 6.33 2.13
CA MET A 6 22.34 6.18 0.67
C MET A 6 21.34 5.10 0.31
N THR A 7 20.14 5.21 0.92
CA THR A 7 19.10 4.21 0.69
C THR A 7 18.62 4.18 -0.75
N TYR A 8 18.85 5.26 -1.51
CA TYR A 8 18.49 5.30 -2.92
C TYR A 8 19.68 4.92 -3.81
N GLU A 9 20.88 5.31 -3.42
CA GLU A 9 22.07 4.89 -4.17
C GLU A 9 22.23 3.38 -4.16
N ALA A 10 21.85 2.72 -3.06
CA ALA A 10 21.93 1.27 -2.98
C ALA A 10 20.72 0.57 -3.60
N GLN A 11 19.61 1.30 -3.77
CA GLN A 11 18.43 0.71 -4.40
C GLN A 11 18.72 0.29 -5.83
N PHE A 12 19.57 1.04 -6.54
CA PHE A 12 19.87 0.73 -7.93
C PHE A 12 20.99 -0.31 -8.05
N PHE A 13 21.99 -0.24 -7.17
CA PHE A 13 23.17 -1.09 -7.28
C PHE A 13 23.00 -2.44 -6.61
N GLY A 14 22.17 -2.54 -5.59
CA GLY A 14 22.03 -3.77 -4.84
C GLY A 14 22.98 -3.91 -3.66
N PHE A 15 23.75 -2.87 -3.35
CA PHE A 15 24.64 -2.86 -2.20
C PHE A 15 24.94 -1.41 -1.85
N THR A 16 25.24 -1.17 -0.58
CA THR A 16 25.67 0.16 -0.18
C THR A 16 27.06 0.45 -0.75
N PRO A 17 27.30 1.66 -1.24
CA PRO A 17 28.64 1.97 -1.77
C PRO A 17 29.72 1.86 -0.71
N GLN A 18 29.41 2.16 0.55
CA GLN A 18 30.41 2.11 1.61
C GLN A 18 30.89 0.68 1.83
N THR A 19 29.98 -0.30 1.80
CA THR A 19 30.38 -1.69 1.95
C THR A 19 31.28 -2.13 0.80
N CYS A 20 30.93 -1.74 -0.43
CA CYS A 20 31.78 -2.06 -1.57
C CYS A 20 33.16 -1.45 -1.41
N MET A 21 33.24 -0.21 -0.92
CA MET A 21 34.53 0.41 -0.66
C MET A 21 35.30 -0.32 0.43
N LEU A 22 34.60 -0.88 1.41
CA LEU A 22 35.29 -1.66 2.44
C LEU A 22 35.87 -2.95 1.86
N ARG A 23 35.10 -3.62 1.00
CA ARG A 23 35.64 -4.82 0.34
C ARG A 23 36.83 -4.48 -0.53
N ILE A 24 36.77 -3.34 -1.23
CA ILE A 24 37.90 -2.90 -2.04
C ILE A 24 39.11 -2.63 -1.15
N TYR A 25 38.89 -2.06 0.04
CA TYR A 25 39.99 -1.78 0.95
C TYR A 25 40.63 -3.08 1.42
N ILE A 26 39.84 -3.97 2.04
CA ILE A 26 40.36 -5.24 2.51
C ILE A 26 40.94 -6.08 1.38
N ALA A 27 40.67 -5.72 0.13
CA ALA A 27 41.40 -6.31 -0.98
C ALA A 27 42.78 -5.65 -1.15
N PHE A 28 42.81 -4.32 -1.24
CA PHE A 28 44.05 -3.62 -1.57
C PHE A 28 45.09 -3.79 -0.47
N GLN A 29 44.67 -3.63 0.80
CA GLN A 29 45.60 -3.77 1.91
C GLN A 29 46.19 -5.17 1.95
N ASP A 30 45.34 -6.19 1.78
CA ASP A 30 45.83 -7.56 1.74
C ASP A 30 46.82 -7.77 0.61
N TYR A 31 46.58 -7.14 -0.55
CA TYR A 31 47.54 -7.24 -1.64
C TYR A 31 48.87 -6.59 -1.28
N LEU A 32 48.82 -5.43 -0.63
CA LEU A 32 50.05 -4.77 -0.17
C LEU A 32 50.85 -5.68 0.75
N PHE A 33 50.20 -6.25 1.77
CA PHE A 33 50.90 -7.16 2.67
C PHE A 33 51.35 -8.42 1.94
N GLU A 34 50.67 -8.79 0.85
CA GLU A 34 51.12 -9.93 0.05
C GLU A 34 52.46 -9.63 -0.61
N VAL A 35 52.57 -8.50 -1.29
CA VAL A 35 53.83 -8.16 -1.93
C VAL A 35 54.92 -7.92 -0.89
N MET A 36 54.53 -7.51 0.32
CA MET A 36 55.52 -7.36 1.39
C MET A 36 56.02 -8.72 1.86
N GLN A 37 55.13 -9.71 1.95
CA GLN A 37 55.57 -11.08 2.20
C GLN A 37 56.49 -11.55 1.08
N ALA A 38 56.21 -11.12 -0.15
CA ALA A 38 57.05 -11.51 -1.28
C ALA A 38 58.46 -10.97 -1.13
N VAL A 39 58.59 -9.65 -0.94
CA VAL A 39 59.92 -9.07 -0.80
C VAL A 39 60.63 -9.60 0.44
N GLU A 40 59.88 -9.88 1.51
CA GLU A 40 60.49 -10.32 2.75
C GLU A 40 61.05 -11.73 2.63
N GLN A 41 60.25 -12.67 2.12
CA GLN A 41 60.77 -14.03 1.97
C GLN A 41 61.75 -14.15 0.82
N VAL A 42 61.68 -13.25 -0.17
CA VAL A 42 62.66 -13.26 -1.25
C VAL A 42 64.01 -12.77 -0.74
N ILE A 43 64.02 -11.73 0.10
CA ILE A 43 65.28 -11.31 0.71
C ILE A 43 65.72 -12.30 1.79
N LEU A 44 64.81 -13.14 2.28
CA LEU A 44 65.21 -14.18 3.23
C LEU A 44 65.92 -15.34 2.52
N LYS A 45 65.36 -15.80 1.39
CA LYS A 45 66.01 -16.90 0.67
C LYS A 45 67.32 -16.46 0.04
N LYS A 46 67.37 -15.22 -0.49
CA LYS A 46 68.61 -14.66 -0.99
C LYS A 46 69.65 -14.50 0.11
N LEU A 47 69.20 -14.43 1.37
CA LEU A 47 70.14 -14.18 2.46
C LEU A 47 71.00 -15.39 2.77
N ASP A 48 70.49 -16.60 2.55
CA ASP A 48 71.27 -17.80 2.89
C ASP A 48 72.60 -17.85 2.13
N GLY A 49 72.62 -17.35 0.90
CA GLY A 49 73.85 -17.33 0.13
C GLY A 49 74.63 -16.04 0.27
N ILE A 50 75.29 -15.85 1.41
CA ILE A 50 76.08 -14.65 1.64
C ILE A 50 77.43 -15.03 2.26
N PRO A 51 78.52 -14.42 1.81
CA PRO A 51 79.76 -14.47 2.59
C PRO A 51 79.65 -13.56 3.81
N ASP A 52 80.76 -13.37 4.54
CA ASP A 52 80.78 -12.54 5.73
C ASP A 52 79.77 -13.05 6.74
N CYS A 53 79.35 -12.20 7.69
CA CYS A 53 78.37 -12.61 8.68
C CYS A 53 76.95 -12.23 8.23
N ASP A 54 75.97 -12.53 9.09
CA ASP A 54 74.61 -12.79 8.63
C ASP A 54 73.85 -11.53 8.21
N ILE A 55 73.97 -10.43 8.98
CA ILE A 55 73.10 -9.25 8.89
C ILE A 55 71.66 -9.68 8.58
N SER A 56 71.05 -10.37 9.54
CA SER A 56 69.75 -11.04 9.39
C SER A 56 69.49 -11.80 10.69
N PRO A 57 68.27 -12.36 10.89
CA PRO A 57 66.99 -12.27 10.18
C PRO A 57 65.95 -11.39 10.87
N VAL A 58 65.97 -11.34 12.20
CA VAL A 58 65.06 -10.45 12.92
C VAL A 58 65.36 -8.99 12.63
N GLN A 59 66.57 -8.70 12.14
CA GLN A 59 66.92 -7.35 11.71
C GLN A 59 66.29 -7.01 10.37
N ILE A 60 66.39 -7.92 9.40
CA ILE A 60 65.89 -7.68 8.06
C ILE A 60 64.37 -7.66 8.00
N ARG A 61 63.70 -8.11 9.05
CA ARG A 61 62.24 -8.12 9.09
C ARG A 61 61.66 -6.83 9.65
N LYS A 62 62.25 -6.32 10.74
CA LYS A 62 61.79 -5.07 11.33
C LYS A 62 61.86 -3.92 10.33
N CYS A 63 62.84 -3.96 9.43
CA CYS A 63 62.92 -2.97 8.36
C CYS A 63 61.70 -3.05 7.46
N THR A 64 61.32 -4.27 7.05
CA THR A 64 60.10 -4.45 6.29
C THR A 64 58.88 -3.96 7.05
N GLU A 65 58.91 -4.05 8.39
CA GLU A 65 57.83 -3.47 9.18
C GLU A 65 57.84 -1.95 9.12
N LYS A 66 59.03 -1.34 9.04
CA LYS A 66 59.10 0.11 8.93
C LYS A 66 58.53 0.58 7.59
N PHE A 67 59.06 0.03 6.49
CA PHE A 67 58.53 0.40 5.17
C PHE A 67 57.05 0.02 5.05
N LEU A 68 56.62 -0.99 5.79
CA LEU A 68 55.20 -1.36 5.80
C LEU A 68 54.36 -0.32 6.53
N CYS A 69 54.91 0.28 7.59
CA CYS A 69 54.18 1.35 8.27
C CYS A 69 54.08 2.59 7.38
N PHE A 70 55.17 2.95 6.71
CA PHE A 70 55.13 4.05 5.77
C PHE A 70 54.09 3.80 4.68
N MET A 71 54.12 2.61 4.08
CA MET A 71 53.17 2.27 3.03
C MET A 71 51.74 2.22 3.54
N LYS A 72 51.55 1.87 4.82
CA LYS A 72 50.20 1.87 5.37
C LYS A 72 49.69 3.29 5.59
N GLY A 73 50.58 4.20 5.97
CA GLY A 73 50.20 5.59 6.09
C GLY A 73 49.78 6.19 4.76
N HIS A 74 50.71 6.17 3.79
CA HIS A 74 50.42 6.82 2.52
C HIS A 74 49.32 6.08 1.75
N PHE A 75 49.34 4.74 1.78
CA PHE A 75 48.28 3.97 1.13
C PHE A 75 46.93 4.24 1.79
N ASP A 76 46.91 4.37 3.12
CA ASP A 76 45.64 4.58 3.80
C ASP A 76 45.07 5.95 3.46
N ASN A 77 45.89 7.00 3.52
CA ASN A 77 45.42 8.34 3.15
C ASN A 77 44.94 8.37 1.70
N LEU A 78 45.77 7.85 0.79
CA LEU A 78 45.41 7.85 -0.63
C LEU A 78 44.12 7.09 -0.87
N PHE A 79 43.91 5.99 -0.14
CA PHE A 79 42.67 5.23 -0.30
C PHE A 79 41.48 5.98 0.27
N SER A 80 41.69 6.77 1.33
CA SER A 80 40.59 7.57 1.86
C SER A 80 40.14 8.62 0.85
N LYS A 81 41.11 9.36 0.28
CA LYS A 81 40.74 10.37 -0.70
C LYS A 81 40.15 9.74 -1.96
N MET A 82 40.76 8.66 -2.45
CA MET A 82 40.25 7.98 -3.63
C MET A 82 38.85 7.42 -3.39
N GLU A 83 38.57 7.00 -2.15
CA GLU A 83 37.24 6.48 -1.83
C GLU A 83 36.22 7.61 -1.75
N GLN A 84 36.63 8.78 -1.25
CA GLN A 84 35.75 9.94 -1.33
C GLN A 84 35.42 10.28 -2.78
N LEU A 85 36.43 10.25 -3.65
CA LEU A 85 36.19 10.43 -5.08
C LEU A 85 35.21 9.40 -5.61
N PHE A 86 35.38 8.13 -5.22
CA PHE A 86 34.49 7.07 -5.68
C PHE A 86 33.06 7.31 -5.24
N LEU A 87 32.86 7.80 -4.02
CA LEU A 87 31.52 8.10 -3.54
C LEU A 87 30.96 9.40 -4.10
N GLN A 88 31.81 10.24 -4.69
CA GLN A 88 31.33 11.48 -5.32
C GLN A 88 30.93 11.27 -6.77
N LEU A 89 31.83 10.73 -7.59
CA LEU A 89 31.61 10.68 -9.04
C LEU A 89 30.99 9.38 -9.53
N ILE A 90 31.04 8.31 -8.73
CA ILE A 90 30.44 7.03 -9.08
C ILE A 90 29.56 6.60 -7.90
N LEU A 91 28.73 5.59 -8.14
CA LEU A 91 27.89 4.98 -7.11
C LEU A 91 26.95 5.99 -6.46
N ARG A 92 26.68 7.11 -7.13
CA ARG A 92 25.88 8.19 -6.57
C ARG A 92 24.76 8.52 -7.54
N ILE A 93 23.54 8.58 -7.02
CA ILE A 93 22.38 9.06 -7.77
C ILE A 93 22.35 10.59 -7.63
N PRO A 94 22.47 11.34 -8.71
CA PRO A 94 22.73 12.78 -8.59
C PRO A 94 21.57 13.60 -8.04
N SER A 95 20.46 12.97 -7.62
CA SER A 95 19.25 13.65 -7.15
C SER A 95 18.59 14.46 -8.26
N ASN A 96 19.34 14.80 -9.30
CA ASN A 96 18.77 15.34 -10.52
C ASN A 96 18.02 14.26 -11.31
N ILE A 97 18.26 13.00 -11.00
CA ILE A 97 17.76 11.87 -11.79
C ILE A 97 16.91 10.97 -10.89
N LEU A 98 15.78 10.52 -11.42
CA LEU A 98 14.90 9.58 -10.77
C LEU A 98 14.95 8.25 -11.51
N LEU A 99 15.07 7.14 -10.76
CA LEU A 99 15.19 5.83 -11.38
C LEU A 99 13.88 5.44 -12.07
N PRO A 100 13.97 4.68 -13.17
CA PRO A 100 12.73 4.20 -13.83
C PRO A 100 11.97 3.19 -13.01
N GLU A 101 12.53 2.71 -11.90
CA GLU A 101 11.82 1.73 -11.07
C GLU A 101 10.57 2.34 -10.44
N ASP A 102 10.65 3.60 -10.01
CA ASP A 102 9.53 4.31 -9.41
C ASP A 102 9.25 5.56 -10.25
N LYS A 103 8.81 5.35 -11.48
CA LYS A 103 8.56 6.47 -12.39
C LYS A 103 7.26 7.18 -12.07
N CYS A 104 6.24 6.43 -11.62
CA CYS A 104 4.92 6.99 -11.42
C CYS A 104 4.74 7.65 -10.07
N LYS A 105 5.60 7.36 -9.10
CA LYS A 105 5.49 7.94 -7.77
C LYS A 105 5.93 9.40 -7.72
N GLU A 106 6.18 10.02 -8.87
CA GLU A 106 6.49 11.44 -8.89
C GLU A 106 5.29 12.29 -8.48
N THR A 107 4.11 11.94 -8.98
CA THR A 107 2.89 12.66 -8.64
C THR A 107 2.16 11.91 -7.54
N PRO A 108 2.09 12.46 -6.32
CA PRO A 108 1.41 11.74 -5.24
C PRO A 108 -0.10 11.78 -5.38
N TYR A 109 -0.75 10.81 -4.75
CA TYR A 109 -2.20 10.71 -4.73
C TYR A 109 -2.67 10.69 -3.29
N SER A 110 -3.51 11.66 -2.92
CA SER A 110 -3.94 11.80 -1.53
C SER A 110 -4.73 10.59 -1.07
N GLU A 111 -4.66 10.31 0.24
CA GLU A 111 -5.34 9.13 0.77
C GLU A 111 -6.84 9.33 0.86
N GLU A 112 -7.29 10.58 1.00
CA GLU A 112 -8.73 10.84 0.95
C GLU A 112 -9.29 10.53 -0.43
N ASP A 113 -8.59 10.97 -1.48
CA ASP A 113 -9.01 10.64 -2.84
C ASP A 113 -8.91 9.14 -3.11
N PHE A 114 -7.99 8.46 -2.42
CA PHE A 114 -7.81 7.02 -2.66
C PHE A 114 -8.92 6.21 -2.00
N GLN A 115 -9.16 6.44 -0.71
CA GLN A 115 -10.27 5.75 -0.04
C GLN A 115 -11.61 6.13 -0.67
N HIS A 116 -11.78 7.42 -0.99
CA HIS A 116 -12.96 7.84 -1.75
C HIS A 116 -13.08 7.06 -3.05
N LEU A 117 -11.95 6.84 -3.73
CA LEU A 117 -11.99 6.22 -5.05
C LEU A 117 -12.35 4.75 -4.96
N GLN A 118 -11.72 4.01 -4.04
CA GLN A 118 -12.02 2.59 -3.90
C GLN A 118 -13.44 2.39 -3.37
N LYS A 119 -13.87 3.23 -2.44
CA LYS A 119 -15.25 3.18 -1.98
C LYS A 119 -16.22 3.41 -3.14
N GLU A 120 -15.92 4.38 -4.01
CA GLU A 120 -16.73 4.60 -5.20
C GLU A 120 -16.68 3.41 -6.14
N ILE A 121 -15.57 2.67 -6.15
CA ILE A 121 -15.46 1.49 -7.01
C ILE A 121 -16.40 0.39 -6.52
N GLU A 122 -16.37 0.09 -5.21
CA GLU A 122 -17.30 -0.88 -4.68
C GLU A 122 -18.75 -0.45 -4.88
N GLN A 123 -19.03 0.83 -4.63
CA GLN A 123 -20.39 1.35 -4.81
C GLN A 123 -20.87 1.18 -6.23
N LEU A 124 -20.01 1.48 -7.22
CA LEU A 124 -20.43 1.35 -8.61
C LEU A 124 -20.53 -0.10 -9.03
N GLN A 125 -19.70 -0.98 -8.47
CA GLN A 125 -19.86 -2.41 -8.70
C GLN A 125 -21.25 -2.87 -8.27
N GLU A 126 -21.62 -2.58 -7.02
CA GLU A 126 -22.94 -2.99 -6.54
C GLU A 126 -24.05 -2.30 -7.33
N LYS A 127 -23.87 -1.03 -7.66
CA LYS A 127 -24.89 -0.29 -8.42
C LYS A 127 -25.14 -0.94 -9.77
N TYR A 128 -24.08 -1.28 -10.50
CA TYR A 128 -24.25 -2.04 -11.74
C TYR A 128 -24.95 -3.37 -11.48
N LYS A 129 -24.57 -4.05 -10.38
CA LYS A 129 -25.19 -5.33 -10.07
C LYS A 129 -26.70 -5.18 -9.83
N THR A 130 -27.16 -4.01 -9.37
CA THR A 130 -28.60 -3.80 -9.24
C THR A 130 -29.23 -3.40 -10.58
N GLU A 131 -28.52 -2.59 -11.37
CA GLU A 131 -29.07 -2.16 -12.66
C GLU A 131 -29.28 -3.35 -13.58
N LEU A 132 -28.43 -4.37 -13.49
CA LEU A 132 -28.55 -5.53 -14.37
C LEU A 132 -29.84 -6.30 -14.10
N CYS A 133 -30.07 -6.68 -12.84
CA CYS A 133 -31.31 -7.37 -12.50
C CYS A 133 -32.53 -6.45 -12.59
N THR A 134 -32.33 -5.13 -12.56
CA THR A 134 -33.43 -4.21 -12.86
C THR A 134 -33.83 -4.32 -14.33
N LYS A 135 -32.84 -4.35 -15.23
CA LYS A 135 -33.11 -4.65 -16.63
C LYS A 135 -33.82 -5.99 -16.77
N GLN A 136 -33.36 -7.01 -16.06
CA GLN A 136 -33.98 -8.32 -16.15
C GLN A 136 -35.44 -8.28 -15.71
N ALA A 137 -35.73 -7.56 -14.63
CA ALA A 137 -37.11 -7.50 -14.13
C ALA A 137 -38.01 -6.69 -15.06
N LEU A 138 -37.48 -5.61 -15.63
CA LEU A 138 -38.27 -4.81 -16.57
C LEU A 138 -38.58 -5.61 -17.83
N LEU A 139 -37.57 -6.28 -18.38
CA LEU A 139 -37.78 -7.09 -19.58
C LEU A 139 -38.75 -8.24 -19.30
N ALA A 140 -38.67 -8.82 -18.09
CA ALA A 140 -39.61 -9.89 -17.74
C ALA A 140 -41.03 -9.37 -17.61
N GLU A 141 -41.21 -8.21 -16.96
CA GLU A 141 -42.54 -7.65 -16.81
C GLU A 141 -43.14 -7.26 -18.16
N LEU A 142 -42.31 -6.78 -19.09
CA LEU A 142 -42.82 -6.45 -20.41
C LEU A 142 -43.19 -7.71 -21.19
N GLU A 143 -42.29 -8.70 -21.18
CA GLU A 143 -42.55 -9.94 -21.90
C GLU A 143 -43.82 -10.62 -21.40
N GLU A 144 -44.04 -10.57 -20.08
CA GLU A 144 -45.28 -11.12 -19.52
C GLU A 144 -46.48 -10.24 -19.84
N GLN A 145 -46.26 -8.92 -19.92
CA GLN A 145 -47.33 -7.97 -20.24
C GLN A 145 -47.88 -8.19 -21.64
N LYS A 146 -47.01 -8.64 -22.56
CA LYS A 146 -47.49 -9.01 -23.91
C LYS A 146 -48.66 -9.98 -23.85
N ILE A 147 -48.62 -10.93 -22.92
CA ILE A 147 -49.65 -11.96 -22.86
C ILE A 147 -51.00 -11.36 -22.47
N VAL A 148 -51.03 -10.53 -21.43
CA VAL A 148 -52.30 -9.93 -21.03
C VAL A 148 -52.81 -8.97 -22.11
N GLN A 149 -51.90 -8.30 -22.82
CA GLN A 149 -52.34 -7.46 -23.93
C GLN A 149 -53.01 -8.29 -25.02
N ALA A 150 -52.43 -9.45 -25.34
CA ALA A 150 -53.02 -10.32 -26.33
C ALA A 150 -54.34 -10.92 -25.88
N LYS A 151 -54.49 -11.19 -24.57
CA LYS A 151 -55.75 -11.72 -24.07
C LYS A 151 -56.85 -10.68 -24.12
N LEU A 152 -56.55 -9.44 -23.71
CA LEU A 152 -57.55 -8.37 -23.83
C LEU A 152 -57.93 -8.14 -25.28
N LYS A 153 -56.93 -8.15 -26.19
CA LYS A 153 -57.25 -8.07 -27.61
C LYS A 153 -58.12 -9.22 -28.06
N GLN A 154 -57.96 -10.41 -27.45
CA GLN A 154 -58.79 -11.55 -27.83
C GLN A 154 -60.23 -11.37 -27.40
N THR A 155 -60.45 -10.90 -26.17
CA THR A 155 -61.81 -10.64 -25.71
C THR A 155 -62.48 -9.55 -26.53
N LEU A 156 -61.74 -8.46 -26.82
CA LEU A 156 -62.28 -7.43 -27.70
C LEU A 156 -62.62 -8.00 -29.07
N THR A 157 -61.80 -8.93 -29.56
CA THR A 157 -62.11 -9.59 -30.82
C THR A 157 -63.40 -10.40 -30.72
N PHE A 158 -63.65 -11.01 -29.55
CA PHE A 158 -64.90 -11.73 -29.36
C PHE A 158 -66.10 -10.78 -29.38
N PHE A 159 -65.96 -9.61 -28.76
CA PHE A 159 -67.08 -8.66 -28.77
C PHE A 159 -67.32 -8.11 -30.17
N ASP A 160 -66.26 -7.81 -30.92
CA ASP A 160 -66.43 -7.33 -32.29
C ASP A 160 -67.06 -8.40 -33.17
N GLU A 161 -66.62 -9.66 -33.01
CA GLU A 161 -67.23 -10.76 -33.76
C GLU A 161 -68.68 -10.96 -33.36
N LEU A 162 -69.03 -10.71 -32.10
CA LEU A 162 -70.41 -10.83 -31.68
C LEU A 162 -71.27 -9.73 -32.31
N HIS A 163 -70.74 -8.51 -32.39
CA HIS A 163 -71.46 -7.45 -33.09
C HIS A 163 -71.50 -7.69 -34.60
N ASN A 164 -70.59 -8.51 -35.14
CA ASN A 164 -70.65 -8.86 -36.55
C ASN A 164 -71.69 -9.94 -36.81
N VAL A 165 -71.77 -10.94 -35.93
CA VAL A 165 -72.82 -11.95 -36.04
C VAL A 165 -74.19 -11.33 -35.77
N GLY A 166 -74.23 -10.26 -34.98
CA GLY A 166 -75.46 -9.54 -34.75
C GLY A 166 -75.85 -8.64 -35.90
N ARG A 167 -74.85 -7.96 -36.49
CA ARG A 167 -75.12 -7.09 -37.63
C ARG A 167 -75.75 -7.86 -38.78
N ASP A 168 -75.27 -9.08 -39.01
CA ASP A 168 -75.97 -10.00 -39.90
C ASP A 168 -77.16 -10.62 -39.15
N HIS A 169 -78.15 -11.07 -39.93
CA HIS A 169 -79.39 -11.72 -39.51
C HIS A 169 -80.46 -10.72 -39.08
N GLY A 170 -80.18 -9.42 -39.06
CA GLY A 170 -81.24 -8.45 -38.86
C GLY A 170 -80.99 -7.32 -37.88
N THR A 171 -80.59 -7.65 -36.66
CA THR A 171 -80.51 -6.69 -35.56
C THR A 171 -79.05 -6.49 -35.14
N SER A 172 -78.47 -5.36 -35.56
CA SER A 172 -77.06 -5.08 -35.27
C SER A 172 -76.80 -5.07 -33.76
N ASP A 173 -77.44 -4.17 -33.04
CA ASP A 173 -77.36 -4.14 -31.59
C ASP A 173 -78.78 -4.17 -31.03
N PHE A 174 -79.02 -5.07 -30.07
CA PHE A 174 -80.35 -5.32 -29.54
C PHE A 174 -80.83 -4.23 -28.59
N ARG A 175 -80.53 -2.96 -28.89
CA ARG A 175 -80.98 -1.85 -28.09
C ARG A 175 -82.11 -1.08 -28.75
N GLU A 176 -81.97 -0.76 -30.05
CA GLU A 176 -83.06 -0.15 -30.79
C GLU A 176 -84.12 -1.16 -31.19
N SER A 177 -83.79 -2.45 -31.19
CA SER A 177 -84.76 -3.49 -31.51
C SER A 177 -85.70 -3.74 -30.34
N LEU A 178 -85.14 -3.97 -29.14
CA LEU A 178 -85.94 -4.26 -27.97
C LEU A 178 -86.90 -3.13 -27.65
N VAL A 179 -86.40 -1.89 -27.67
CA VAL A 179 -87.27 -0.73 -27.41
C VAL A 179 -88.31 -0.58 -28.51
N SER A 180 -88.07 -1.15 -29.70
CA SER A 180 -89.10 -1.20 -30.73
C SER A 180 -89.93 -2.47 -30.66
N LEU A 181 -89.41 -3.51 -30.00
CA LEU A 181 -90.20 -4.72 -29.82
C LEU A 181 -91.23 -4.53 -28.71
N VAL A 182 -90.88 -3.79 -27.66
CA VAL A 182 -91.83 -3.54 -26.58
C VAL A 182 -92.94 -2.60 -27.06
N GLN A 183 -92.56 -1.52 -27.75
CA GLN A 183 -93.53 -0.52 -28.17
C GLN A 183 -94.60 -1.13 -29.07
N ASN A 184 -94.17 -1.79 -30.15
CA ASN A 184 -95.12 -2.49 -31.01
C ASN A 184 -95.85 -3.59 -30.26
N SER A 185 -95.25 -4.15 -29.22
CA SER A 185 -95.98 -5.10 -28.39
C SER A 185 -96.94 -4.38 -27.46
N ARG A 186 -96.54 -3.21 -26.94
CA ARG A 186 -97.42 -2.43 -26.08
C ARG A 186 -98.69 -2.02 -26.82
N LYS A 187 -98.60 -1.78 -28.13
CA LYS A 187 -99.79 -1.55 -28.92
C LYS A 187 -100.56 -2.85 -29.14
N LEU A 188 -99.85 -3.96 -29.36
CA LEU A 188 -100.53 -5.23 -29.62
C LEU A 188 -101.34 -5.67 -28.41
N GLN A 189 -100.85 -5.40 -27.20
CA GLN A 189 -101.67 -5.61 -26.02
C GLN A 189 -102.80 -4.59 -25.95
N ASN A 190 -102.50 -3.32 -26.27
CA ASN A 190 -103.51 -2.27 -26.20
C ASN A 190 -104.66 -2.54 -27.16
N ILE A 191 -104.36 -3.01 -28.38
CA ILE A 191 -105.41 -3.39 -29.31
C ILE A 191 -105.99 -4.76 -29.00
N ARG A 192 -105.34 -5.54 -28.13
CA ARG A 192 -105.90 -6.82 -27.72
C ARG A 192 -107.04 -6.63 -26.72
N ASP A 193 -106.75 -5.92 -25.62
CA ASP A 193 -107.79 -5.57 -24.67
C ASP A 193 -108.96 -4.87 -25.36
N ASN A 194 -108.64 -3.92 -26.24
CA ASN A 194 -109.68 -3.17 -26.95
C ASN A 194 -110.52 -4.06 -27.85
N VAL A 195 -110.00 -5.23 -28.25
CA VAL A 195 -110.80 -6.17 -29.03
C VAL A 195 -111.43 -7.26 -28.17
N GLU A 196 -111.04 -7.36 -26.90
CA GLU A 196 -111.73 -8.27 -25.99
C GLU A 196 -112.93 -7.62 -25.32
N LYS A 197 -112.91 -6.31 -25.14
CA LYS A 197 -114.09 -5.59 -24.66
C LYS A 197 -115.14 -5.45 -25.74
N GLU A 198 -114.76 -5.51 -27.02
CA GLU A 198 -115.70 -5.40 -28.12
C GLU A 198 -116.37 -6.73 -28.44
N SER A 199 -115.67 -7.84 -28.22
CA SER A 199 -116.18 -9.17 -28.52
C SER A 199 -117.19 -9.67 -27.49
N LYS A 200 -117.66 -8.83 -26.59
CA LYS A 200 -118.63 -9.23 -25.58
C LYS A 200 -120.02 -8.69 -25.90
N THR B 2 30.79 14.69 -19.48
CA THR B 2 30.21 13.47 -20.04
C THR B 2 31.28 12.40 -20.23
N ILE B 3 31.84 11.93 -19.12
CA ILE B 3 32.84 10.87 -19.11
C ILE B 3 32.19 9.60 -18.58
N SER B 4 32.36 8.50 -19.29
CA SER B 4 31.83 7.22 -18.83
C SER B 4 32.41 6.88 -17.45
N ARG B 5 31.53 6.49 -16.53
CA ARG B 5 31.96 6.23 -15.16
C ARG B 5 33.04 5.16 -15.08
N VAL B 6 33.14 4.30 -16.09
CA VAL B 6 34.24 3.35 -16.14
C VAL B 6 35.56 4.08 -16.37
N LYS B 7 35.54 5.13 -17.20
CA LYS B 7 36.75 5.90 -17.44
C LYS B 7 37.19 6.67 -16.19
N LEU B 8 36.23 7.21 -15.43
CA LEU B 8 36.59 7.87 -14.17
C LEU B 8 37.11 6.86 -13.16
N LEU B 9 36.56 5.64 -13.17
CA LEU B 9 37.07 4.59 -12.28
C LEU B 9 38.50 4.24 -12.63
N ASP B 10 38.78 4.02 -13.92
CA ASP B 10 40.14 3.72 -14.35
C ASP B 10 41.08 4.87 -14.09
N THR B 11 40.58 6.11 -14.14
CA THR B 11 41.43 7.26 -13.84
C THR B 11 41.73 7.35 -12.34
N MET B 12 40.76 6.99 -11.50
CA MET B 12 40.99 7.00 -10.07
C MET B 12 41.97 5.90 -9.66
N VAL B 13 41.85 4.72 -10.28
CA VAL B 13 42.81 3.65 -9.99
C VAL B 13 44.19 4.03 -10.50
N ASP B 14 44.27 4.52 -11.74
CA ASP B 14 45.55 4.88 -12.33
C ASP B 14 46.23 5.97 -11.53
N THR B 15 45.48 6.98 -11.10
CA THR B 15 46.09 8.07 -10.33
C THR B 15 46.44 7.63 -8.92
N PHE B 16 45.59 6.79 -8.31
CA PHE B 16 45.91 6.21 -7.00
C PHE B 16 47.23 5.46 -7.05
N LEU B 17 47.46 4.70 -8.12
CA LEU B 17 48.74 4.01 -8.26
C LEU B 17 49.87 4.98 -8.57
N GLN B 18 49.59 6.01 -9.38
CA GLN B 18 50.60 7.02 -9.67
C GLN B 18 51.08 7.70 -8.40
N LYS B 19 50.20 7.86 -7.40
CA LYS B 19 50.57 8.47 -6.14
C LYS B 19 51.05 7.45 -5.11
N LEU B 20 50.81 6.15 -5.33
CA LEU B 20 51.40 5.15 -4.46
C LEU B 20 52.83 4.80 -4.90
N VAL B 21 53.06 4.68 -6.21
CA VAL B 21 54.41 4.43 -6.70
C VAL B 21 55.29 5.65 -6.49
N ALA B 22 54.70 6.84 -6.43
CA ALA B 22 55.47 8.04 -6.14
C ALA B 22 55.73 8.18 -4.65
N ALA B 23 54.74 7.87 -3.82
CA ALA B 23 54.97 7.83 -2.38
C ALA B 23 55.97 6.74 -2.01
N GLY B 24 55.89 5.61 -2.70
CA GLY B 24 56.86 4.54 -2.51
C GLY B 24 58.11 4.77 -3.33
N SER B 25 58.80 5.87 -3.07
CA SER B 25 59.99 6.22 -3.83
C SER B 25 61.08 5.17 -3.63
N TYR B 26 61.97 5.08 -4.61
CA TYR B 26 63.13 4.21 -4.47
C TYR B 26 63.98 4.64 -3.28
N GLN B 27 64.13 5.95 -3.09
CA GLN B 27 64.83 6.44 -1.89
C GLN B 27 64.14 5.98 -0.62
N ARG B 28 62.80 5.94 -0.63
CA ARG B 28 62.06 5.49 0.55
C ARG B 28 62.24 3.99 0.79
N PHE B 29 62.35 3.21 -0.28
CA PHE B 29 62.64 1.79 -0.14
C PHE B 29 64.11 1.52 0.15
N THR B 30 64.97 2.53 0.01
CA THR B 30 66.42 2.37 0.16
C THR B 30 66.92 2.83 1.53
N ASP B 31 66.54 4.03 1.96
CA ASP B 31 67.05 4.57 3.21
C ASP B 31 66.63 3.75 4.42
N CYS B 32 65.54 3.00 4.32
CA CYS B 32 65.15 2.09 5.38
C CYS B 32 65.79 0.71 5.19
N TYR B 33 65.77 0.21 3.96
CA TYR B 33 66.49 -1.03 3.65
C TYR B 33 67.96 -0.74 3.43
N LYS B 34 68.57 0.03 4.32
CA LYS B 34 69.99 0.30 4.17
C LYS B 34 70.76 -1.02 4.13
N CYS B 35 70.92 -1.68 5.29
CA CYS B 35 71.66 -2.93 5.45
C CYS B 35 71.76 -3.79 4.19
N PHE B 36 70.69 -3.85 3.40
CA PHE B 36 70.72 -4.56 2.12
C PHE B 36 71.32 -3.73 1.01
N TYR B 37 71.14 -2.40 1.04
CA TYR B 37 71.52 -1.55 -0.08
C TYR B 37 73.04 -1.41 -0.24
N GLN B 38 73.83 -1.66 0.81
CA GLN B 38 75.27 -1.55 0.65
C GLN B 38 75.80 -2.56 -0.37
N LEU B 39 75.38 -3.82 -0.24
CA LEU B 39 75.77 -4.82 -1.23
C LEU B 39 74.72 -4.94 -2.34
N GLN B 40 75.19 -5.32 -3.53
CA GLN B 40 74.38 -5.45 -4.74
C GLN B 40 73.30 -4.37 -4.85
N PRO B 41 73.68 -3.10 -5.08
CA PRO B 41 72.67 -2.07 -5.29
C PRO B 41 71.85 -2.26 -6.56
N ALA B 42 72.10 -3.34 -7.32
CA ALA B 42 71.28 -3.70 -8.46
C ALA B 42 70.29 -4.81 -8.15
N MET B 43 70.59 -5.68 -7.18
CA MET B 43 69.61 -6.66 -6.73
C MET B 43 68.46 -5.97 -6.01
N THR B 44 68.77 -4.98 -5.17
CA THR B 44 67.72 -4.22 -4.50
C THR B 44 66.81 -3.53 -5.51
N GLN B 45 67.39 -3.02 -6.60
CA GLN B 45 66.59 -2.36 -7.64
C GLN B 45 65.64 -3.36 -8.30
N GLN B 46 66.13 -4.57 -8.56
CA GLN B 46 65.27 -5.60 -9.15
C GLN B 46 64.15 -6.00 -8.21
N ILE B 47 64.46 -6.12 -6.92
CA ILE B 47 63.44 -6.51 -5.95
C ILE B 47 62.39 -5.41 -5.80
N TYR B 48 62.81 -4.16 -5.75
CA TYR B 48 61.85 -3.05 -5.69
C TYR B 48 61.01 -2.98 -6.97
N ASP B 49 61.63 -3.26 -8.12
CA ASP B 49 60.90 -3.24 -9.37
C ASP B 49 59.82 -4.31 -9.41
N LYS B 50 60.19 -5.55 -9.04
CA LYS B 50 59.21 -6.63 -9.00
C LYS B 50 58.12 -6.33 -7.98
N PHE B 51 58.49 -5.76 -6.84
CA PHE B 51 57.52 -5.40 -5.81
C PHE B 51 56.50 -4.41 -6.34
N ILE B 52 56.96 -3.33 -6.97
CA ILE B 52 56.05 -2.27 -7.38
C ILE B 52 55.23 -2.71 -8.58
N ALA B 53 55.83 -3.46 -9.50
CA ALA B 53 55.11 -3.91 -10.68
C ALA B 53 54.05 -4.94 -10.31
N GLN B 54 54.43 -5.94 -9.51
CA GLN B 54 53.46 -6.94 -9.08
C GLN B 54 52.37 -6.31 -8.22
N LEU B 55 52.71 -5.28 -7.45
CA LEU B 55 51.70 -4.59 -6.65
C LEU B 55 50.68 -3.90 -7.55
N GLN B 56 51.15 -3.03 -8.47
CA GLN B 56 50.21 -2.26 -9.27
C GLN B 56 49.41 -3.16 -10.22
N THR B 57 50.05 -4.18 -10.79
CA THR B 57 49.30 -5.12 -11.62
C THR B 57 48.32 -5.94 -10.77
N SER B 58 48.64 -6.18 -9.51
CA SER B 58 47.74 -6.93 -8.64
C SER B 58 46.49 -6.10 -8.32
N ILE B 59 46.66 -4.83 -7.96
CA ILE B 59 45.51 -4.01 -7.62
C ILE B 59 44.68 -3.68 -8.86
N ARG B 60 45.34 -3.40 -9.99
CA ARG B 60 44.58 -3.23 -11.24
C ARG B 60 43.85 -4.50 -11.62
N GLU B 61 44.43 -5.67 -11.31
CA GLU B 61 43.70 -6.92 -11.51
C GLU B 61 42.53 -7.03 -10.55
N GLU B 62 42.63 -6.42 -9.37
CA GLU B 62 41.51 -6.44 -8.42
C GLU B 62 40.35 -5.60 -8.93
N ILE B 63 40.60 -4.36 -9.35
CA ILE B 63 39.51 -3.53 -9.85
C ILE B 63 38.97 -4.11 -11.15
N SER B 64 39.84 -4.72 -11.98
CA SER B 64 39.34 -5.42 -13.15
C SER B 64 38.50 -6.63 -12.78
N ASP B 65 38.74 -7.20 -11.60
CA ASP B 65 37.93 -8.33 -11.14
C ASP B 65 36.61 -7.88 -10.53
N ILE B 66 36.54 -6.66 -10.01
CA ILE B 66 35.29 -6.15 -9.46
C ILE B 66 34.43 -5.51 -10.56
N LYS B 67 35.04 -5.04 -11.65
CA LYS B 67 34.24 -4.59 -12.78
C LYS B 67 33.48 -5.75 -13.41
N GLU B 68 34.06 -6.96 -13.40
CA GLU B 68 33.37 -8.16 -13.84
C GLU B 68 32.72 -8.92 -12.69
N GLU B 69 32.59 -8.29 -11.51
CA GLU B 69 32.00 -8.95 -10.36
C GLU B 69 30.52 -9.26 -10.59
N GLY B 70 29.73 -8.22 -10.87
CA GLY B 70 28.33 -8.40 -11.16
C GLY B 70 27.91 -7.58 -12.36
N ASN B 71 28.71 -7.66 -13.42
CA ASN B 71 28.51 -6.84 -14.62
C ASN B 71 28.44 -5.36 -14.25
N LEU B 72 29.42 -4.92 -13.46
CA LEU B 72 29.44 -3.53 -12.99
C LEU B 72 29.71 -2.54 -14.12
N GLU B 73 30.35 -2.98 -15.20
CA GLU B 73 30.49 -2.11 -16.37
C GLU B 73 29.13 -1.81 -16.99
N ALA B 74 28.26 -2.82 -17.08
CA ALA B 74 26.93 -2.61 -17.62
C ALA B 74 26.05 -1.83 -16.65
N VAL B 75 26.30 -1.97 -15.34
CA VAL B 75 25.56 -1.19 -14.35
C VAL B 75 25.94 0.29 -14.43
N LEU B 76 27.23 0.57 -14.53
CA LEU B 76 27.68 1.96 -14.63
C LEU B 76 27.31 2.56 -15.98
N ASN B 77 27.34 1.77 -17.05
CA ASN B 77 26.86 2.25 -18.34
C ASN B 77 25.36 2.55 -18.28
N ALA B 78 24.61 1.72 -17.56
CA ALA B 78 23.19 1.99 -17.37
C ALA B 78 22.98 3.27 -16.58
N LEU B 79 23.81 3.52 -15.57
CA LEU B 79 23.71 4.74 -14.80
C LEU B 79 24.02 5.97 -15.66
N ASP B 80 25.06 5.88 -16.49
CA ASP B 80 25.34 6.95 -17.43
C ASP B 80 24.16 7.19 -18.36
N LYS B 81 23.51 6.09 -18.79
CA LYS B 81 22.34 6.22 -19.66
C LYS B 81 21.22 6.98 -18.95
N ILE B 82 20.90 6.57 -17.72
CA ILE B 82 19.79 7.21 -17.00
C ILE B 82 20.11 8.67 -16.72
N VAL B 83 21.38 8.97 -16.42
CA VAL B 83 21.77 10.36 -16.18
C VAL B 83 21.59 11.19 -17.45
N GLU B 84 22.11 10.69 -18.58
CA GLU B 84 21.93 11.41 -19.84
C GLU B 84 20.46 11.43 -20.27
N GLU B 85 19.72 10.35 -19.98
CA GLU B 85 18.32 10.29 -20.35
C GLU B 85 17.45 11.23 -19.53
N GLY B 86 17.94 11.70 -18.39
CA GLY B 86 17.12 12.49 -17.49
C GLY B 86 17.72 13.82 -17.08
N LYS B 87 18.97 14.09 -17.47
CA LYS B 87 19.58 15.36 -17.12
C LYS B 87 18.91 16.49 -17.89
N VAL B 88 17.64 16.75 -17.61
CA VAL B 88 16.87 17.77 -18.29
C VAL B 88 16.02 18.51 -17.25
N ARG B 89 15.92 17.94 -16.05
CA ARG B 89 15.02 18.45 -15.03
C ARG B 89 15.68 19.49 -14.13
N LYS B 90 16.93 19.25 -13.72
CA LYS B 90 17.70 20.17 -12.88
C LYS B 90 17.07 20.37 -11.50
N GLU B 91 15.86 19.84 -11.30
CA GLU B 91 15.10 19.90 -10.06
C GLU B 91 15.35 18.64 -9.22
N PRO B 92 15.34 18.78 -7.90
CA PRO B 92 15.50 17.59 -7.04
C PRO B 92 14.43 16.55 -7.33
N ALA B 93 14.87 15.34 -7.65
CA ALA B 93 13.94 14.27 -8.01
C ALA B 93 13.22 13.75 -6.77
N TRP B 94 12.26 12.86 -7.00
CA TRP B 94 11.46 12.28 -5.91
C TRP B 94 12.30 11.25 -5.18
N ARG B 95 12.62 11.54 -3.95
CA ARG B 95 13.25 10.52 -3.10
C ARG B 95 12.18 9.84 -2.26
N PRO B 96 12.25 8.52 -2.10
CA PRO B 96 11.13 7.80 -1.47
C PRO B 96 10.95 8.14 0.01
N SER B 97 9.85 8.80 0.33
CA SER B 97 9.52 9.09 1.71
C SER B 97 9.23 7.81 2.47
N GLY B 98 9.54 7.82 3.77
CA GLY B 98 9.42 6.63 4.59
C GLY B 98 8.00 6.18 4.87
N ILE B 99 7.09 6.46 3.95
CA ILE B 99 5.69 6.06 4.07
C ILE B 99 5.37 5.12 2.91
N PRO B 100 5.34 3.81 3.17
CA PRO B 100 5.09 2.87 2.06
C PRO B 100 3.72 3.02 1.44
N GLU B 101 2.70 3.32 2.25
CA GLU B 101 1.34 3.41 1.73
C GLU B 101 1.18 4.57 0.76
N LYS B 102 1.94 5.66 0.96
CA LYS B 102 1.83 6.79 0.06
C LYS B 102 2.38 6.45 -1.33
N ASP B 103 3.56 5.81 -1.37
CA ASP B 103 4.12 5.40 -2.65
C ASP B 103 3.27 4.33 -3.31
N LEU B 104 2.83 3.33 -2.55
CA LEU B 104 2.01 2.26 -3.11
C LEU B 104 0.70 2.80 -3.67
N HIS B 105 0.08 3.77 -2.97
CA HIS B 105 -1.12 4.38 -3.51
C HIS B 105 -0.81 5.25 -4.72
N SER B 106 0.39 5.83 -4.76
CA SER B 106 0.78 6.64 -5.90
C SER B 106 0.92 5.79 -7.17
N VAL B 107 1.47 4.59 -7.04
CA VAL B 107 1.59 3.71 -8.20
C VAL B 107 0.25 3.06 -8.53
N MET B 108 -0.53 2.72 -7.50
CA MET B 108 -1.80 2.04 -7.72
C MET B 108 -2.92 2.97 -8.17
N ALA B 109 -2.74 4.28 -8.10
CA ALA B 109 -3.82 5.20 -8.43
C ALA B 109 -4.36 5.03 -9.84
N PRO B 110 -3.54 5.06 -10.91
CA PRO B 110 -4.13 5.01 -12.26
C PRO B 110 -4.91 3.72 -12.54
N TYR B 111 -4.38 2.58 -12.10
CA TYR B 111 -5.07 1.31 -12.33
C TYR B 111 -6.40 1.21 -11.59
N PHE B 112 -6.63 2.07 -10.60
CA PHE B 112 -7.94 2.20 -9.99
C PHE B 112 -8.80 3.24 -10.68
N LEU B 113 -8.19 4.30 -11.21
CA LEU B 113 -8.94 5.28 -11.98
C LEU B 113 -9.60 4.64 -13.21
N GLN B 114 -8.81 3.86 -13.97
CA GLN B 114 -9.38 3.24 -15.17
C GLN B 114 -10.49 2.26 -14.82
N GLN B 115 -10.40 1.59 -13.67
CA GLN B 115 -11.47 0.71 -13.23
C GLN B 115 -12.72 1.50 -12.87
N ARG B 116 -12.54 2.59 -12.11
CA ARG B 116 -13.69 3.42 -11.73
C ARG B 116 -14.41 3.96 -12.96
N ASP B 117 -13.65 4.38 -13.98
CA ASP B 117 -14.29 4.93 -15.17
C ASP B 117 -14.88 3.84 -16.07
N THR B 118 -14.27 2.65 -16.08
CA THR B 118 -14.89 1.53 -16.78
C THR B 118 -16.25 1.19 -16.19
N LEU B 119 -16.30 0.99 -14.87
CA LEU B 119 -17.57 0.72 -14.21
C LEU B 119 -18.53 1.91 -14.36
N ARG B 120 -18.00 3.13 -14.47
CA ARG B 120 -18.85 4.29 -14.70
C ARG B 120 -19.55 4.20 -16.05
N ARG B 121 -18.78 3.95 -17.11
CA ARG B 121 -19.38 3.83 -18.43
C ARG B 121 -20.38 2.68 -18.49
N HIS B 122 -20.02 1.54 -17.89
CA HIS B 122 -20.91 0.38 -17.91
C HIS B 122 -22.23 0.69 -17.20
N VAL B 123 -22.14 1.29 -16.00
CA VAL B 123 -23.35 1.55 -15.24
C VAL B 123 -24.19 2.65 -15.89
N GLN B 124 -23.56 3.54 -16.66
CA GLN B 124 -24.34 4.56 -17.37
C GLN B 124 -25.05 3.96 -18.58
N LYS B 125 -24.39 3.04 -19.29
CA LYS B 125 -25.06 2.32 -20.38
C LYS B 125 -26.24 1.53 -19.85
N GLN B 126 -26.03 0.76 -18.79
CA GLN B 126 -27.13 0.03 -18.17
C GLN B 126 -28.22 0.96 -17.69
N GLU B 127 -27.84 2.14 -17.20
CA GLU B 127 -28.82 3.11 -16.71
C GLU B 127 -29.71 3.60 -17.84
N ALA B 128 -29.10 3.95 -18.98
CA ALA B 128 -29.89 4.43 -20.13
C ALA B 128 -30.79 3.31 -20.67
N GLU B 129 -30.25 2.10 -20.81
CA GLU B 129 -31.06 0.98 -21.29
C GLU B 129 -32.25 0.72 -20.37
N ASN B 130 -32.04 0.78 -19.06
CA ASN B 130 -33.16 0.62 -18.13
C ASN B 130 -34.14 1.78 -18.23
N GLN B 131 -33.66 2.98 -18.56
CA GLN B 131 -34.55 4.11 -18.76
C GLN B 131 -35.50 3.87 -19.93
N GLN B 132 -34.94 3.60 -21.11
CA GLN B 132 -35.79 3.40 -22.28
C GLN B 132 -36.69 2.17 -22.11
N LEU B 133 -36.14 1.08 -21.58
CA LEU B 133 -36.95 -0.12 -21.35
C LEU B 133 -38.10 0.16 -20.40
N ALA B 134 -37.84 0.90 -19.32
CA ALA B 134 -38.91 1.24 -18.38
C ALA B 134 -39.97 2.13 -19.05
N ASP B 135 -39.54 3.01 -19.96
CA ASP B 135 -40.52 3.79 -20.72
C ASP B 135 -41.39 2.89 -21.56
N ALA B 136 -40.80 1.87 -22.19
CA ALA B 136 -41.61 0.91 -22.95
C ALA B 136 -42.59 0.17 -22.04
N VAL B 137 -42.16 -0.14 -20.81
CA VAL B 137 -43.07 -0.78 -19.85
C VAL B 137 -44.24 0.13 -19.53
N LEU B 138 -43.97 1.41 -19.32
CA LEU B 138 -45.04 2.37 -19.01
C LEU B 138 -46.03 2.49 -20.16
N ALA B 139 -45.52 2.60 -21.40
CA ALA B 139 -46.40 2.63 -22.55
C ALA B 139 -47.25 1.37 -22.62
N GLY B 140 -46.64 0.20 -22.35
CA GLY B 140 -47.41 -1.04 -22.33
C GLY B 140 -48.51 -1.02 -21.30
N ARG B 141 -48.25 -0.46 -20.11
CA ARG B 141 -49.28 -0.36 -19.10
C ARG B 141 -50.42 0.56 -19.55
N ARG B 142 -50.07 1.70 -20.15
CA ARG B 142 -51.10 2.55 -20.75
C ARG B 142 -51.97 1.77 -21.71
N GLN B 143 -51.35 0.95 -22.55
CA GLN B 143 -52.11 0.20 -23.55
C GLN B 143 -53.02 -0.84 -22.90
N VAL B 144 -52.51 -1.58 -21.91
CA VAL B 144 -53.32 -2.64 -21.31
C VAL B 144 -54.48 -2.05 -20.53
N GLU B 145 -54.27 -0.90 -19.88
CA GLU B 145 -55.36 -0.27 -19.15
C GLU B 145 -56.41 0.30 -20.09
N GLU B 146 -55.96 0.98 -21.17
CA GLU B 146 -56.92 1.49 -22.14
C GLU B 146 -57.63 0.38 -22.90
N LEU B 147 -57.06 -0.84 -22.91
CA LEU B 147 -57.78 -1.99 -23.46
C LEU B 147 -58.83 -2.50 -22.48
N GLN B 148 -58.47 -2.62 -21.20
CA GLN B 148 -59.44 -3.02 -20.18
C GLN B 148 -60.64 -2.07 -20.16
N LEU B 149 -60.39 -0.77 -20.34
CA LEU B 149 -61.50 0.19 -20.38
C LEU B 149 -62.45 -0.10 -21.52
N GLN B 150 -61.93 -0.50 -22.68
CA GLN B 150 -62.79 -0.79 -23.83
C GLN B 150 -63.55 -2.10 -23.62
N VAL B 151 -62.88 -3.11 -23.05
CA VAL B 151 -63.57 -4.37 -22.74
C VAL B 151 -64.75 -4.11 -21.81
N GLN B 152 -64.52 -3.37 -20.72
CA GLN B 152 -65.60 -3.03 -19.81
C GLN B 152 -66.66 -2.20 -20.51
N ALA B 153 -66.25 -1.32 -21.43
CA ALA B 153 -67.19 -0.46 -22.13
C ALA B 153 -68.19 -1.28 -22.95
N GLN B 154 -67.67 -2.17 -23.80
CA GLN B 154 -68.58 -2.99 -24.61
C GLN B 154 -69.34 -3.99 -23.76
N GLN B 155 -68.74 -4.48 -22.66
CA GLN B 155 -69.47 -5.36 -21.76
C GLN B 155 -70.70 -4.68 -21.20
N GLN B 156 -70.53 -3.48 -20.65
CA GLN B 156 -71.69 -2.72 -20.17
C GLN B 156 -72.66 -2.41 -21.30
N ALA B 157 -72.12 -2.13 -22.50
CA ALA B 157 -72.98 -1.90 -23.66
C ALA B 157 -73.88 -3.10 -23.94
N TRP B 158 -73.40 -4.31 -23.66
CA TRP B 158 -74.26 -5.48 -23.82
C TRP B 158 -75.15 -5.70 -22.61
N GLN B 159 -74.72 -5.29 -21.43
CA GLN B 159 -75.57 -5.38 -20.24
C GLN B 159 -76.65 -4.32 -20.20
N ALA B 160 -76.65 -3.38 -21.16
CA ALA B 160 -77.61 -2.28 -21.12
C ALA B 160 -79.02 -2.72 -21.45
N LEU B 161 -79.17 -3.72 -22.33
CA LEU B 161 -80.50 -4.15 -22.75
C LEU B 161 -81.22 -4.99 -21.69
N HIS B 162 -80.60 -5.19 -20.52
CA HIS B 162 -81.26 -5.88 -19.43
C HIS B 162 -82.54 -5.16 -19.03
N ARG B 163 -82.48 -3.84 -18.86
CA ARG B 163 -83.68 -3.08 -18.54
C ARG B 163 -84.72 -3.18 -19.64
N GLU B 164 -84.27 -3.16 -20.91
CA GLU B 164 -85.19 -3.34 -22.01
C GLU B 164 -85.97 -4.65 -21.89
N GLN B 165 -85.27 -5.74 -21.55
CA GLN B 165 -85.97 -6.98 -21.24
C GLN B 165 -86.89 -6.81 -20.05
N ARG B 166 -86.51 -5.98 -19.07
CA ARG B 166 -87.31 -5.82 -17.87
C ARG B 166 -88.68 -5.22 -18.19
N GLU B 167 -88.70 -4.05 -18.84
CA GLU B 167 -90.01 -3.52 -19.19
C GLU B 167 -90.66 -4.30 -20.34
N LEU B 168 -89.90 -5.15 -21.05
CA LEU B 168 -90.53 -6.08 -21.98
C LEU B 168 -91.43 -7.07 -21.23
N VAL B 169 -90.86 -7.75 -20.24
CA VAL B 169 -91.66 -8.69 -19.45
C VAL B 169 -92.69 -7.96 -18.59
N ALA B 170 -92.46 -6.68 -18.29
CA ALA B 170 -93.43 -5.92 -17.49
C ALA B 170 -94.73 -5.71 -18.26
N VAL B 171 -94.65 -5.19 -19.48
CA VAL B 171 -95.85 -4.96 -20.28
C VAL B 171 -96.45 -6.23 -20.84
N LEU B 172 -95.72 -7.34 -20.79
CA LEU B 172 -96.19 -8.62 -21.28
C LEU B 172 -96.94 -9.42 -20.22
N ARG B 173 -97.27 -8.80 -19.09
CA ARG B 173 -97.95 -9.48 -18.00
C ARG B 173 -99.10 -8.60 -17.52
N GLU B 174 -100.28 -9.20 -17.40
CA GLU B 174 -101.48 -8.48 -16.99
C GLU B 174 -101.37 -8.01 -15.54
N GLY C 50 31.31 5.21 55.93
CA GLY C 50 31.02 6.62 55.71
C GLY C 50 31.99 7.28 54.76
N ILE C 51 32.29 6.62 53.63
CA ILE C 51 33.19 7.18 52.65
C ILE C 51 32.54 8.35 51.92
N THR C 52 31.21 8.30 51.74
CA THR C 52 30.50 9.38 51.07
C THR C 52 30.67 10.71 51.77
N GLU C 53 31.00 10.71 53.06
CA GLU C 53 31.25 11.96 53.77
C GLU C 53 32.43 12.72 53.20
N LEU C 54 33.32 12.06 52.46
CA LEU C 54 34.41 12.75 51.79
C LEU C 54 33.90 13.69 50.69
N SER C 55 32.68 13.47 50.20
CA SER C 55 32.15 14.25 49.09
C SER C 55 31.67 15.63 49.54
N ARG C 56 30.75 15.65 50.51
CA ARG C 56 30.17 16.87 51.08
C ARG C 56 31.14 17.63 51.95
N SER C 57 32.42 17.27 51.95
CA SER C 57 33.36 17.83 52.92
C SER C 57 33.78 19.25 52.59
N ILE C 58 33.82 19.63 51.32
CA ILE C 58 34.57 20.82 50.94
C ILE C 58 33.89 21.57 49.79
N SER C 59 33.95 22.90 49.87
CA SER C 59 34.07 23.79 48.74
C SER C 59 32.98 23.69 47.68
N VAL C 60 31.81 24.25 47.95
CA VAL C 60 30.73 24.26 46.96
C VAL C 60 30.81 25.45 46.03
N ASP C 61 31.54 26.50 46.39
CA ASP C 61 31.47 27.78 45.68
C ASP C 61 32.61 27.97 44.67
N LEU C 62 33.62 27.12 44.68
CA LEU C 62 34.78 27.30 43.80
C LEU C 62 34.70 26.41 42.56
N ALA C 63 33.58 26.56 41.84
CA ALA C 63 33.35 25.88 40.56
C ALA C 63 33.31 24.37 40.83
N GLU C 64 33.93 23.55 39.98
CA GLU C 64 33.88 22.10 40.12
C GLU C 64 35.26 21.48 39.98
N SER C 65 36.10 22.04 39.11
CA SER C 65 37.43 21.50 38.91
C SER C 65 38.26 21.61 40.19
N LYS C 66 38.25 22.77 40.81
CA LYS C 66 38.97 22.95 42.08
C LYS C 66 38.41 21.99 43.14
N ARG C 67 37.10 21.78 43.14
CA ARG C 67 36.51 20.81 44.06
C ARG C 67 36.95 19.39 43.73
N LEU C 68 37.22 19.10 42.45
CA LEU C 68 37.75 17.79 42.10
C LEU C 68 39.17 17.61 42.59
N GLY C 69 39.99 18.66 42.50
CA GLY C 69 41.34 18.59 43.05
C GLY C 69 41.33 18.41 44.56
N CYS C 70 40.49 19.19 45.26
CA CYS C 70 40.36 19.03 46.70
C CYS C 70 39.85 17.62 47.04
N LEU C 71 38.99 17.06 46.19
CA LEU C 71 38.57 15.68 46.36
C LEU C 71 39.76 14.73 46.21
N LEU C 72 40.69 15.05 45.30
CA LEU C 72 41.88 14.24 45.13
C LEU C 72 42.73 14.24 46.39
N LEU C 73 43.02 15.43 46.93
CA LEU C 73 43.83 15.52 48.13
C LEU C 73 43.14 14.84 49.32
N SER C 74 41.84 15.10 49.50
CA SER C 74 41.12 14.51 50.62
C SER C 74 41.04 13.00 50.49
N SER C 75 40.96 12.48 49.26
CA SER C 75 40.97 11.03 49.07
C SER C 75 42.33 10.45 49.39
N PHE C 76 43.40 11.13 48.97
CA PHE C 76 44.75 10.72 49.35
C PHE C 76 44.88 10.61 50.86
N GLN C 77 44.49 11.67 51.58
CA GLN C 77 44.54 11.64 53.04
C GLN C 77 43.64 10.54 53.60
N PHE C 78 42.52 10.24 52.94
CA PHE C 78 41.63 9.21 53.44
C PHE C 78 42.29 7.83 53.34
N SER C 79 42.98 7.56 52.23
CA SER C 79 43.70 6.30 52.10
C SER C 79 44.86 6.22 53.09
N ILE C 80 45.58 7.33 53.26
CA ILE C 80 46.70 7.35 54.20
C ILE C 80 46.22 7.03 55.61
N GLN C 81 45.13 7.68 56.04
CA GLN C 81 44.59 7.40 57.37
C GLN C 81 43.96 6.02 57.44
N LYS C 82 43.51 5.47 56.31
CA LYS C 82 42.97 4.12 56.32
C LYS C 82 44.06 3.06 56.43
N LEU C 83 45.29 3.37 56.02
CA LEU C 83 46.38 2.42 56.12
C LEU C 83 47.01 2.38 57.51
N GLU C 84 46.86 3.44 58.30
CA GLU C 84 47.52 3.50 59.60
C GLU C 84 47.10 2.43 60.59
N PRO C 85 45.80 2.08 60.76
CA PRO C 85 45.41 1.19 61.87
C PRO C 85 46.00 -0.22 61.80
N PHE C 86 46.93 -0.48 60.87
CA PHE C 86 47.58 -1.80 60.75
C PHE C 86 49.07 -1.58 60.52
N LEU C 87 49.78 -1.24 61.59
CA LEU C 87 51.23 -1.07 61.57
C LEU C 87 51.83 -1.93 62.67
N ARG C 88 52.64 -2.91 62.29
CA ARG C 88 53.23 -3.84 63.26
C ARG C 88 54.53 -3.32 63.86
N ASP C 89 55.39 -2.72 63.04
CA ASP C 89 56.64 -2.16 63.52
C ASP C 89 57.22 -1.16 62.53
N PHE C 93 60.72 6.22 65.87
CA PHE C 93 59.42 5.58 65.75
C PHE C 93 59.09 5.32 64.28
N SER C 94 58.68 4.09 63.96
CA SER C 94 58.31 3.78 62.58
C SER C 94 57.11 4.61 62.13
N LEU C 95 56.18 4.90 63.04
CA LEU C 95 55.06 5.78 62.72
C LEU C 95 55.55 7.20 62.45
N GLU C 96 56.60 7.63 63.17
CA GLU C 96 57.06 9.02 63.05
C GLU C 96 57.74 9.25 61.70
N SER C 97 58.48 8.27 61.19
CA SER C 97 59.16 8.41 59.90
C SER C 97 58.20 8.41 58.73
N PHE C 98 56.92 8.08 58.95
CA PHE C 98 55.94 7.95 57.89
C PHE C 98 55.43 9.32 57.46
N ARG C 99 55.10 10.16 58.44
CA ARG C 99 54.51 11.48 58.14
C ARG C 99 55.48 12.37 57.36
N ALA C 100 56.78 12.20 57.58
CA ALA C 100 57.77 12.97 56.83
C ALA C 100 57.62 12.74 55.32
N LYS C 101 57.18 11.55 54.93
CA LYS C 101 56.83 11.30 53.53
C LYS C 101 55.42 11.79 53.22
N ALA C 102 54.42 11.28 53.96
CA ALA C 102 53.03 11.54 53.64
C ALA C 102 52.77 13.04 53.46
N SER C 103 53.30 13.86 54.37
CA SER C 103 53.15 15.31 54.23
C SER C 103 53.89 15.84 53.02
N SER C 104 55.08 15.28 52.73
CA SER C 104 55.89 15.77 51.63
C SER C 104 55.20 15.56 50.29
N LEU C 105 54.99 14.30 49.90
CA LEU C 105 54.34 14.07 48.61
C LEU C 105 52.85 14.36 48.64
N SER C 106 52.26 14.62 49.80
CA SER C 106 50.91 15.19 49.82
C SER C 106 50.94 16.65 49.43
N GLU C 107 51.99 17.37 49.84
CA GLU C 107 52.17 18.75 49.37
C GLU C 107 52.55 18.77 47.89
N GLU C 108 53.34 17.81 47.44
CA GLU C 108 53.65 17.71 46.02
C GLU C 108 52.42 17.29 45.21
N LEU C 109 51.50 16.56 45.84
CA LEU C 109 50.22 16.27 45.21
C LEU C 109 49.36 17.54 45.14
N LYS C 110 49.46 18.39 46.17
CA LYS C 110 48.78 19.68 46.14
C LYS C 110 49.30 20.55 45.00
N HIS C 111 50.62 20.62 44.84
CA HIS C 111 51.18 21.44 43.78
C HIS C 111 50.99 20.80 42.41
N PHE C 112 50.87 19.48 42.35
CA PHE C 112 50.59 18.82 41.08
C PHE C 112 49.16 19.04 40.64
N ALA C 113 48.22 19.01 41.59
CA ALA C 113 46.83 19.32 41.26
C ALA C 113 46.67 20.80 40.91
N ASP C 114 47.38 21.67 41.63
CA ASP C 114 47.28 23.10 41.34
C ASP C 114 47.96 23.46 40.02
N GLY C 115 48.99 22.71 39.65
CA GLY C 115 49.69 22.97 38.40
C GLY C 115 48.91 22.55 37.18
N LEU C 116 48.36 21.33 37.21
CA LEU C 116 47.61 20.80 36.08
C LEU C 116 46.12 21.10 36.16
N GLU C 117 45.69 21.86 37.16
CA GLU C 117 44.36 22.46 37.09
C GLU C 117 44.31 23.54 36.02
N THR C 118 45.45 24.20 35.76
CA THR C 118 45.54 25.33 34.85
C THR C 118 45.81 24.90 33.41
N ASP C 119 46.68 23.91 33.21
CA ASP C 119 47.05 23.52 31.86
C ASP C 119 45.85 23.02 31.08
N GLY C 120 45.09 22.10 31.64
CA GLY C 120 43.88 21.65 30.98
C GLY C 120 43.48 20.21 31.24
N THR C 121 44.44 19.37 31.66
CA THR C 121 44.15 17.95 31.79
C THR C 121 43.17 17.65 32.91
N LEU C 122 43.05 18.53 33.92
CA LEU C 122 42.07 18.31 34.96
C LEU C 122 40.70 18.80 34.52
N GLN C 123 40.64 20.00 33.92
CA GLN C 123 39.38 20.58 33.46
C GLN C 123 38.85 19.92 32.18
N LYS C 124 39.55 18.93 31.63
CA LYS C 124 38.98 18.08 30.59
C LYS C 124 38.05 17.03 31.16
N CYS C 125 37.90 16.98 32.49
CA CYS C 125 36.95 16.08 33.13
C CYS C 125 35.52 16.46 32.83
N PHE C 126 35.27 17.69 32.37
CA PHE C 126 33.94 18.25 32.30
C PHE C 126 33.42 18.40 30.87
N GLU C 127 34.12 17.84 29.90
CA GLU C 127 33.64 17.86 28.51
C GLU C 127 34.34 16.79 27.68
N SER C 137 31.52 13.81 15.87
CA SER C 137 31.03 13.14 17.06
C SER C 137 30.67 11.69 16.76
N LEU C 138 31.41 10.76 17.38
CA LEU C 138 31.17 9.34 17.15
C LEU C 138 29.85 8.90 17.77
N GLU C 139 29.62 9.27 19.04
CA GLU C 139 28.40 8.87 19.72
C GLU C 139 27.16 9.41 19.04
N ALA C 140 27.24 10.61 18.46
CA ALA C 140 26.09 11.19 17.78
C ALA C 140 25.73 10.39 16.52
N SER C 141 26.73 10.08 15.70
CA SER C 141 26.47 9.29 14.50
C SER C 141 26.04 7.87 14.85
N VAL C 142 26.54 7.32 15.96
CA VAL C 142 26.05 6.01 16.41
C VAL C 142 24.58 6.10 16.81
N ALA C 143 24.19 7.20 17.46
CA ALA C 143 22.79 7.38 17.83
C ALA C 143 21.91 7.51 16.60
N GLU C 144 22.31 8.36 15.65
CA GLU C 144 21.54 8.52 14.42
C GLU C 144 21.44 7.20 13.66
N MET C 145 22.51 6.41 13.70
CA MET C 145 22.48 5.11 13.03
C MET C 145 21.52 4.16 13.71
N LYS C 146 21.54 4.12 15.06
CA LYS C 146 20.64 3.24 15.78
C LYS C 146 19.18 3.68 15.68
N GLU C 147 18.93 4.95 15.39
CA GLU C 147 17.56 5.38 15.10
C GLU C 147 17.17 5.01 13.67
N TYR C 148 18.08 5.20 12.72
CA TYR C 148 17.81 4.80 11.34
C TYR C 148 17.48 3.32 11.24
N ILE C 149 18.20 2.47 11.98
CA ILE C 149 18.02 1.03 11.82
C ILE C 149 16.66 0.60 12.33
N THR C 150 16.13 1.25 13.38
CA THR C 150 14.81 0.92 13.86
C THR C 150 13.71 1.52 12.98
N LYS C 151 13.96 2.71 12.42
CA LYS C 151 13.01 3.27 11.47
C LYS C 151 12.86 2.38 10.24
N PHE C 152 13.99 1.89 9.71
CA PHE C 152 13.95 0.98 8.58
C PHE C 152 13.43 -0.40 8.98
N SER C 153 13.57 -0.78 10.26
CA SER C 153 12.91 -1.98 10.74
C SER C 153 11.39 -1.84 10.65
N LEU C 154 10.87 -0.72 11.17
CA LEU C 154 9.43 -0.48 11.10
C LEU C 154 8.94 -0.42 9.66
N GLU C 155 9.69 0.26 8.79
CA GLU C 155 9.27 0.34 7.39
C GLU C 155 9.32 -1.02 6.71
N ARG C 156 10.34 -1.83 7.03
CA ARG C 156 10.42 -3.18 6.47
C ARG C 156 9.23 -4.03 6.90
N GLN C 157 8.85 -3.94 8.18
CA GLN C 157 7.66 -4.64 8.66
C GLN C 157 6.42 -4.17 7.91
N THR C 158 6.28 -2.85 7.72
CA THR C 158 5.13 -2.31 7.00
C THR C 158 5.09 -2.83 5.56
N TRP C 159 6.26 -2.98 4.93
CA TRP C 159 6.28 -3.48 3.56
C TRP C 159 5.90 -4.97 3.51
N ASP C 160 6.44 -5.76 4.44
CA ASP C 160 6.10 -7.19 4.46
C ASP C 160 4.61 -7.41 4.66
N GLN C 161 4.04 -6.77 5.70
CA GLN C 161 2.61 -6.93 5.96
C GLN C 161 1.78 -6.37 4.82
N LEU C 162 2.16 -5.21 4.29
CA LEU C 162 1.40 -4.59 3.20
C LEU C 162 1.45 -5.44 1.93
N LEU C 163 2.49 -6.24 1.76
CA LEU C 163 2.57 -7.13 0.61
C LEU C 163 1.75 -8.39 0.81
N LEU C 164 1.88 -9.03 1.98
CA LEU C 164 1.08 -10.22 2.26
C LEU C 164 -0.40 -9.92 2.21
N HIS C 165 -0.80 -8.72 2.62
CA HIS C 165 -2.21 -8.33 2.56
C HIS C 165 -2.77 -8.45 1.14
N TYR C 166 -2.08 -7.84 0.17
CA TYR C 166 -2.57 -7.89 -1.21
C TYR C 166 -2.37 -9.27 -1.84
N GLN C 167 -1.36 -10.01 -1.37
CA GLN C 167 -1.19 -11.38 -1.87
C GLN C 167 -2.38 -12.25 -1.50
N GLN C 168 -2.71 -12.32 -0.21
CA GLN C 168 -3.85 -13.13 0.22
C GLN C 168 -5.17 -12.52 -0.22
N GLU C 169 -5.22 -11.22 -0.48
CA GLU C 169 -6.43 -10.64 -1.07
C GLU C 169 -6.63 -11.12 -2.50
N ALA C 170 -5.55 -11.13 -3.29
CA ALA C 170 -5.65 -11.58 -4.67
C ALA C 170 -5.96 -13.08 -4.73
N LYS C 171 -5.35 -13.87 -3.85
CA LYS C 171 -5.65 -15.30 -3.83
C LYS C 171 -7.08 -15.56 -3.35
N GLU C 172 -7.55 -14.77 -2.38
CA GLU C 172 -8.89 -14.97 -1.84
C GLU C 172 -9.95 -14.60 -2.86
N ILE C 173 -9.83 -13.42 -3.49
CA ILE C 173 -10.80 -13.02 -4.50
C ILE C 173 -10.71 -13.92 -5.73
N LEU C 174 -9.49 -14.36 -6.06
CA LEU C 174 -9.31 -15.22 -7.23
C LEU C 174 -9.81 -16.64 -6.97
N SER C 175 -9.95 -17.04 -5.70
CA SER C 175 -10.48 -18.35 -5.36
C SER C 175 -11.87 -18.28 -4.73
N ARG C 176 -12.51 -17.10 -4.77
CA ARG C 176 -13.83 -16.93 -4.17
C ARG C 176 -14.96 -17.13 -5.17
N GLY C 177 -14.76 -16.74 -6.43
CA GLY C 177 -15.82 -16.83 -7.41
C GLY C 177 -16.19 -18.24 -7.84
N SER C 178 -15.34 -19.22 -7.53
CA SER C 178 -15.58 -20.60 -7.91
C SER C 178 -16.04 -21.45 -6.73
N THR C 179 -15.32 -21.42 -5.61
CA THR C 179 -15.67 -22.22 -4.44
C THR C 179 -16.92 -21.68 -3.75
N THR C 192 -34.90 -7.08 -9.23
CA THR C 192 -35.26 -5.91 -8.43
C THR C 192 -34.40 -5.82 -7.17
N TYR C 193 -33.74 -4.67 -7.01
CA TYR C 193 -32.95 -4.38 -5.82
C TYR C 193 -33.34 -3.02 -5.28
N LEU C 194 -32.90 -2.73 -4.05
CA LEU C 194 -33.11 -1.41 -3.49
C LEU C 194 -32.15 -0.40 -4.12
N GLY C 195 -32.56 0.86 -4.10
CA GLY C 195 -31.74 1.90 -4.69
C GLY C 195 -31.60 1.81 -6.19
N SER C 196 -32.51 1.11 -6.86
CA SER C 196 -32.46 1.01 -8.31
C SER C 196 -32.80 2.34 -8.95
N SER C 197 -32.40 2.48 -10.22
CA SER C 197 -32.68 3.73 -10.94
C SER C 197 -34.16 3.86 -11.23
N GLN C 198 -34.81 2.78 -11.68
CA GLN C 198 -36.24 2.76 -11.96
C GLN C 198 -37.04 2.19 -10.80
N ASN C 199 -36.56 2.39 -9.56
CA ASN C 199 -37.18 1.76 -8.40
C ASN C 199 -38.65 2.13 -8.27
N GLU C 200 -39.06 3.29 -8.79
CA GLU C 200 -40.46 3.65 -8.74
C GLU C 200 -41.28 2.82 -9.73
N VAL C 201 -40.71 2.48 -10.88
CA VAL C 201 -41.45 1.78 -11.92
C VAL C 201 -41.62 0.31 -11.56
N LEU C 202 -40.59 -0.32 -10.99
CA LEU C 202 -40.70 -1.71 -10.58
C LEU C 202 -41.64 -1.92 -9.40
N ASN C 203 -42.01 -0.85 -8.69
CA ASN C 203 -42.91 -0.96 -7.55
C ASN C 203 -44.36 -0.66 -7.91
N THR C 204 -44.63 -0.02 -9.05
CA THR C 204 -45.99 0.22 -9.50
C THR C 204 -46.39 -0.84 -10.54
N LYS C 205 -46.40 -2.10 -10.10
CA LYS C 205 -46.73 -3.22 -10.96
C LYS C 205 -48.16 -3.65 -10.69
N PRO C 206 -49.08 -3.49 -11.63
CA PRO C 206 -50.46 -3.93 -11.40
C PRO C 206 -50.58 -5.44 -11.46
N ASP C 207 -51.66 -5.95 -10.87
CA ASP C 207 -51.93 -7.38 -10.85
C ASP C 207 -52.52 -7.79 -12.19
N TYR C 208 -51.74 -8.52 -12.99
CA TYR C 208 -52.20 -8.95 -14.30
C TYR C 208 -53.06 -10.21 -14.21
N GLN C 209 -52.67 -11.15 -13.34
CA GLN C 209 -53.50 -12.33 -13.11
C GLN C 209 -54.89 -11.94 -12.62
N LYS C 210 -54.98 -10.88 -11.83
CA LYS C 210 -56.28 -10.33 -11.45
C LYS C 210 -57.07 -9.91 -12.68
N ILE C 211 -56.40 -9.34 -13.68
CA ILE C 211 -57.09 -8.94 -14.90
C ILE C 211 -57.57 -10.17 -15.67
N LEU C 212 -56.74 -11.22 -15.72
CA LEU C 212 -57.17 -12.44 -16.41
C LEU C 212 -58.38 -13.07 -15.74
N GLN C 213 -58.39 -13.10 -14.40
CA GLN C 213 -59.57 -13.59 -13.71
C GLN C 213 -60.77 -12.67 -13.95
N ASN C 214 -60.52 -11.36 -14.08
CA ASN C 214 -61.59 -10.42 -14.42
C ASN C 214 -62.22 -10.76 -15.76
N GLN C 215 -61.40 -11.14 -16.74
CA GLN C 215 -61.95 -11.62 -18.01
C GLN C 215 -62.72 -12.93 -17.81
N SER C 216 -62.18 -13.82 -16.97
CA SER C 216 -62.82 -15.11 -16.75
C SER C 216 -64.23 -14.96 -16.19
N LYS C 217 -64.45 -13.96 -15.33
CA LYS C 217 -65.80 -13.72 -14.84
C LYS C 217 -66.61 -12.81 -15.75
N VAL C 218 -65.95 -11.97 -16.55
CA VAL C 218 -66.66 -11.15 -17.55
C VAL C 218 -67.37 -12.05 -18.54
N PHE C 219 -66.71 -13.14 -18.97
CA PHE C 219 -67.38 -14.07 -19.88
C PHE C 219 -68.58 -14.74 -19.21
N ASP C 220 -68.51 -14.97 -17.90
CA ASP C 220 -69.64 -15.56 -17.19
C ASP C 220 -70.82 -14.59 -17.14
N CYS C 221 -70.56 -13.33 -16.80
CA CYS C 221 -71.62 -12.33 -16.86
C CYS C 221 -72.20 -12.22 -18.26
N MET C 222 -71.35 -12.32 -19.28
CA MET C 222 -71.82 -12.31 -20.65
C MET C 222 -72.77 -13.47 -20.93
N GLU C 223 -72.41 -14.67 -20.46
CA GLU C 223 -73.26 -15.83 -20.69
C GLU C 223 -74.58 -15.71 -19.94
N LEU C 224 -74.58 -15.17 -18.73
CA LEU C 224 -75.82 -15.06 -17.98
C LEU C 224 -76.74 -14.01 -18.60
N VAL C 225 -76.18 -12.91 -19.11
CA VAL C 225 -77.00 -11.93 -19.81
C VAL C 225 -77.57 -12.53 -21.10
N MET C 226 -76.74 -13.31 -21.80
CA MET C 226 -77.21 -13.97 -23.02
C MET C 226 -78.35 -14.94 -22.71
N ASP C 227 -78.25 -15.69 -21.62
CA ASP C 227 -79.32 -16.62 -21.26
C ASP C 227 -80.57 -15.88 -20.83
N GLU C 228 -80.41 -14.74 -20.15
CA GLU C 228 -81.57 -13.91 -19.82
C GLU C 228 -82.28 -13.44 -21.08
N LEU C 229 -81.51 -13.00 -22.07
CA LEU C 229 -82.12 -12.57 -23.34
C LEU C 229 -82.83 -13.71 -24.03
N GLN C 230 -82.16 -14.86 -24.14
CA GLN C 230 -82.77 -16.03 -24.78
C GLN C 230 -83.95 -16.58 -24.00
N GLY C 231 -84.09 -16.20 -22.72
CA GLY C 231 -85.29 -16.54 -21.98
C GLY C 231 -86.40 -15.55 -22.27
N SER C 232 -86.03 -14.27 -22.43
CA SER C 232 -87.03 -13.26 -22.75
C SER C 232 -87.59 -13.43 -24.16
N VAL C 233 -86.82 -14.01 -25.08
CA VAL C 233 -87.34 -14.22 -26.42
C VAL C 233 -88.38 -15.33 -26.44
N LYS C 234 -88.30 -16.27 -25.50
CA LYS C 234 -89.37 -17.27 -25.35
C LYS C 234 -90.54 -16.68 -24.57
N GLN C 235 -90.26 -15.88 -23.54
CA GLN C 235 -91.31 -15.14 -22.86
C GLN C 235 -92.16 -14.35 -23.84
N LEU C 236 -91.52 -13.78 -24.86
CA LEU C 236 -92.25 -13.09 -25.91
C LEU C 236 -92.90 -14.06 -26.89
N GLN C 237 -92.16 -15.10 -27.28
CA GLN C 237 -92.66 -16.03 -28.29
C GLN C 237 -93.98 -16.66 -27.87
N ALA C 238 -94.12 -16.97 -26.57
CA ALA C 238 -95.38 -17.52 -26.08
C ALA C 238 -96.53 -16.53 -26.28
N PHE C 239 -96.27 -15.25 -26.06
CA PHE C 239 -97.32 -14.25 -26.25
C PHE C 239 -97.60 -14.00 -27.73
N MET C 240 -96.61 -14.18 -28.59
CA MET C 240 -96.85 -14.02 -30.02
C MET C 240 -97.67 -15.18 -30.58
N ASP C 241 -97.39 -16.41 -30.14
CA ASP C 241 -98.20 -17.53 -30.59
C ASP C 241 -99.59 -17.48 -29.99
N GLU C 242 -99.70 -17.07 -28.72
CA GLU C 242 -101.01 -16.94 -28.08
C GLU C 242 -101.84 -15.86 -28.75
N SER C 243 -101.21 -14.75 -29.14
CA SER C 243 -101.95 -13.66 -29.77
C SER C 243 -102.30 -14.00 -31.21
N THR C 244 -101.39 -14.64 -31.94
CA THR C 244 -101.69 -15.03 -33.32
C THR C 244 -102.69 -16.17 -33.39
N GLN C 245 -102.86 -16.92 -32.30
CA GLN C 245 -103.88 -17.96 -32.25
C GLN C 245 -105.21 -17.44 -31.74
N CYS C 246 -105.20 -16.44 -30.85
CA CYS C 246 -106.44 -15.83 -30.39
C CYS C 246 -107.09 -15.01 -31.50
N PHE C 247 -106.29 -14.27 -32.27
CA PHE C 247 -106.84 -13.49 -33.38
C PHE C 247 -107.32 -14.38 -34.52
N GLN C 248 -106.92 -15.65 -34.54
CA GLN C 248 -107.42 -16.60 -35.53
C GLN C 248 -108.79 -17.16 -35.13
N LYS C 249 -109.14 -17.09 -33.84
CA LYS C 249 -110.42 -17.58 -33.35
C LYS C 249 -111.58 -16.63 -33.64
N VAL C 250 -111.40 -15.65 -34.54
CA VAL C 250 -112.47 -14.73 -34.90
C VAL C 250 -113.51 -15.37 -35.80
N SER C 251 -113.28 -16.58 -36.28
CA SER C 251 -114.23 -17.26 -37.16
C SER C 251 -115.46 -17.70 -36.39
N PRO D 32 17.59 13.48 51.09
CA PRO D 32 18.50 14.55 51.49
C PRO D 32 19.14 15.28 50.31
N ARG D 33 19.97 16.27 50.59
CA ARG D 33 20.64 17.03 49.53
C ARG D 33 21.76 16.17 48.93
N GLU D 34 21.61 15.81 47.66
CA GLU D 34 22.55 14.92 47.00
C GLU D 34 23.45 15.73 46.07
N ASP D 35 24.11 15.03 45.13
CA ASP D 35 24.97 15.64 44.12
C ASP D 35 26.10 16.47 44.74
N PHE D 36 26.50 16.11 45.96
CA PHE D 36 27.73 16.66 46.52
C PHE D 36 28.97 16.18 45.79
N ARG D 37 28.83 15.19 44.91
CA ARG D 37 29.94 14.66 44.14
C ARG D 37 30.20 15.53 42.91
N VAL D 38 31.47 15.58 42.51
CA VAL D 38 31.87 16.43 41.39
C VAL D 38 31.21 15.92 40.11
N ARG D 39 30.59 16.83 39.36
CA ARG D 39 29.90 16.49 38.11
C ARG D 39 30.90 16.54 36.96
N CYS D 40 31.27 15.36 36.45
CA CYS D 40 32.17 15.24 35.32
C CYS D 40 31.45 14.50 34.20
N THR D 41 31.33 15.15 33.03
CA THR D 41 30.61 14.57 31.91
C THR D 41 31.41 13.51 31.16
N SER D 42 32.52 13.04 31.72
CA SER D 42 33.34 12.04 31.04
C SER D 42 33.99 11.13 32.08
N LYS D 43 33.87 9.82 31.88
CA LYS D 43 34.53 8.85 32.74
C LYS D 43 35.99 8.63 32.35
N ARG D 44 36.36 8.92 31.10
CA ARG D 44 37.71 8.66 30.64
C ARG D 44 38.72 9.57 31.34
N ALA D 45 38.41 10.87 31.42
CA ALA D 45 39.36 11.82 32.00
C ALA D 45 39.66 11.48 33.45
N VAL D 46 38.66 11.04 34.20
CA VAL D 46 38.87 10.66 35.60
C VAL D 46 39.85 9.51 35.70
N THR D 47 39.68 8.50 34.84
CA THR D 47 40.58 7.35 34.87
C THR D 47 41.99 7.74 34.45
N GLU D 48 42.11 8.65 33.48
CA GLU D 48 43.43 9.04 33.01
C GLU D 48 44.18 9.85 34.06
N MET D 49 43.56 10.91 34.58
CA MET D 49 44.22 11.71 35.60
C MET D 49 44.44 10.92 36.89
N LEU D 50 43.55 9.97 37.18
CA LEU D 50 43.76 9.10 38.33
C LEU D 50 44.98 8.21 38.14
N GLN D 51 45.09 7.58 36.96
CA GLN D 51 46.29 6.81 36.65
C GLN D 51 47.54 7.67 36.69
N LEU D 52 47.40 8.96 36.34
CA LEU D 52 48.53 9.88 36.46
C LEU D 52 48.94 10.06 37.91
N CYS D 53 47.99 10.41 38.78
CA CYS D 53 48.31 10.69 40.18
C CYS D 53 48.54 9.43 41.01
N GLY D 54 48.40 8.23 40.43
CA GLY D 54 48.69 7.02 41.16
C GLY D 54 50.13 6.87 41.59
N ARG D 55 51.06 7.53 40.88
CA ARG D 55 52.47 7.40 41.21
C ARG D 55 52.84 8.05 42.53
N PHE D 56 52.00 8.94 43.05
CA PHE D 56 52.28 9.55 44.35
C PHE D 56 52.01 8.57 45.48
N VAL D 57 50.81 7.99 45.52
CA VAL D 57 50.52 6.97 46.53
C VAL D 57 51.39 5.74 46.30
N GLN D 58 51.84 5.51 45.05
CA GLN D 58 52.83 4.46 44.83
C GLN D 58 54.17 4.83 45.46
N LYS D 59 54.56 6.10 45.38
CA LYS D 59 55.79 6.56 45.98
C LYS D 59 55.70 6.61 47.51
N LEU D 60 54.49 6.61 48.06
CA LEU D 60 54.31 6.60 49.50
C LEU D 60 54.83 5.34 50.16
N GLY D 61 54.90 4.22 49.42
CA GLY D 61 55.32 2.95 49.97
C GLY D 61 56.79 2.84 50.30
N ASP D 62 57.57 3.91 50.15
CA ASP D 62 58.99 3.85 50.50
C ASP D 62 59.18 3.70 51.99
N ALA D 63 58.51 4.54 52.78
CA ALA D 63 58.60 4.47 54.25
C ALA D 63 57.59 3.44 54.77
N LEU D 64 57.90 2.17 54.49
CA LEU D 64 57.03 1.07 54.87
C LEU D 64 57.85 -0.22 54.88
N PRO D 65 57.63 -1.12 55.83
CA PRO D 65 58.38 -2.39 55.84
C PRO D 65 58.10 -3.21 54.60
N GLU D 66 59.15 -3.87 54.10
CA GLU D 66 59.04 -4.66 52.88
C GLU D 66 58.17 -5.90 53.05
N GLU D 67 57.86 -6.29 54.29
CA GLU D 67 57.06 -7.48 54.53
C GLU D 67 55.62 -7.30 54.07
N ILE D 68 55.08 -6.09 54.24
CA ILE D 68 53.68 -5.80 53.95
C ILE D 68 53.51 -4.68 52.93
N ARG D 69 54.61 -4.16 52.37
CA ARG D 69 54.53 -2.97 51.52
C ARG D 69 53.67 -3.21 50.29
N GLU D 70 53.73 -4.40 49.71
CA GLU D 70 53.01 -4.65 48.46
C GLU D 70 51.51 -4.75 48.68
N PRO D 71 50.98 -5.60 49.58
CA PRO D 71 49.53 -5.62 49.77
C PRO D 71 49.00 -4.36 50.44
N ALA D 72 49.84 -3.65 51.20
CA ALA D 72 49.41 -2.38 51.78
C ALA D 72 49.36 -1.27 50.75
N LEU D 73 50.22 -1.33 49.73
CA LEU D 73 50.13 -0.39 48.62
C LEU D 73 48.97 -0.73 47.69
N ARG D 74 48.65 -2.02 47.55
CA ARG D 74 47.43 -2.40 46.84
C ARG D 74 46.20 -1.91 47.58
N ASP D 75 46.18 -2.05 48.91
CA ASP D 75 45.05 -1.58 49.70
C ASP D 75 44.96 -0.05 49.67
N ALA D 76 46.10 0.63 49.71
CA ALA D 76 46.09 2.09 49.62
C ALA D 76 45.63 2.55 48.25
N GLN D 77 45.95 1.81 47.19
CA GLN D 77 45.47 2.15 45.87
C GLN D 77 43.96 1.97 45.76
N TRP D 78 43.47 0.78 46.14
CA TRP D 78 42.03 0.50 46.02
C TRP D 78 41.21 1.44 46.89
N THR D 79 41.65 1.68 48.13
CA THR D 79 40.92 2.60 48.99
C THR D 79 41.05 4.04 48.50
N PHE D 80 42.17 4.38 47.87
CA PHE D 80 42.38 5.72 47.34
C PHE D 80 41.44 6.00 46.17
N GLU D 81 41.63 5.31 45.05
CA GLU D 81 40.78 5.56 43.89
C GLU D 81 39.33 5.18 44.16
N SER D 82 39.10 4.23 45.07
CA SER D 82 37.74 3.95 45.49
C SER D 82 37.13 5.16 46.18
N ALA D 83 37.89 5.83 47.06
CA ALA D 83 37.42 7.06 47.67
C ALA D 83 37.27 8.19 46.65
N VAL D 84 38.01 8.14 45.54
CA VAL D 84 37.82 9.12 44.48
C VAL D 84 36.51 8.87 43.75
N GLN D 85 36.18 7.60 43.48
CA GLN D 85 35.02 7.28 42.68
C GLN D 85 33.72 7.41 43.46
N GLU D 86 33.71 6.98 44.72
CA GLU D 86 32.49 7.06 45.52
C GLU D 86 32.06 8.51 45.77
N ASN D 87 33.00 9.46 45.67
CA ASN D 87 32.69 10.88 45.87
C ASN D 87 32.71 11.66 44.56
N ILE D 88 32.56 10.98 43.44
CA ILE D 88 32.42 11.62 42.14
C ILE D 88 31.28 10.95 41.40
N SER D 89 30.58 11.72 40.56
CA SER D 89 29.45 11.22 39.79
C SER D 89 29.53 11.80 38.39
N ILE D 90 29.27 10.94 37.39
CA ILE D 90 29.40 11.35 36.00
C ILE D 90 28.28 12.32 35.66
N ASN D 91 27.05 11.81 35.46
CA ASN D 91 25.89 12.61 35.11
C ASN D 91 24.71 12.14 35.97
N GLY D 92 24.80 12.42 37.27
CA GLY D 92 23.82 11.86 38.20
C GLY D 92 23.86 10.36 38.28
N GLN D 93 24.96 9.75 37.84
CA GLN D 93 25.12 8.30 37.79
C GLN D 93 26.33 7.91 38.61
N ALA D 94 26.22 6.79 39.32
CA ALA D 94 27.34 6.30 40.12
C ALA D 94 28.47 5.80 39.22
N TRP D 95 29.65 5.62 39.83
CA TRP D 95 30.79 5.14 39.06
C TRP D 95 30.55 3.75 38.49
N GLN D 96 29.86 2.90 39.25
CA GLN D 96 29.61 1.53 38.81
C GLN D 96 28.44 1.41 37.85
N GLU D 97 27.52 2.38 37.86
CA GLU D 97 26.33 2.31 37.03
C GLU D 97 26.37 3.22 35.81
N ALA D 98 27.39 4.07 35.70
CA ALA D 98 27.50 4.99 34.56
C ALA D 98 28.25 4.34 33.42
N SER D 99 27.70 4.44 32.23
CA SER D 99 28.37 3.96 31.02
C SER D 99 29.28 5.05 30.47
N ASP D 100 30.29 4.61 29.72
CA ASP D 100 31.19 5.51 29.02
C ASP D 100 30.91 5.43 27.52
N ASN D 101 31.02 6.58 26.85
CA ASN D 101 30.72 6.66 25.42
C ASN D 101 31.88 6.18 24.55
N CYS D 102 32.74 5.31 25.07
CA CYS D 102 33.88 4.79 24.31
C CYS D 102 33.47 3.49 23.65
N PHE D 103 33.23 3.55 22.35
CA PHE D 103 32.84 2.38 21.56
C PHE D 103 34.07 1.78 20.90
N MET D 104 34.22 0.46 21.03
CA MET D 104 35.32 -0.24 20.40
C MET D 104 35.00 -0.52 18.94
N ASP D 105 35.90 -1.24 18.26
CA ASP D 105 35.72 -1.53 16.84
C ASP D 105 34.76 -2.68 16.60
N SER D 106 34.62 -3.60 17.56
CA SER D 106 33.72 -4.73 17.39
C SER D 106 32.27 -4.28 17.38
N ASP D 107 31.90 -3.42 18.33
CA ASP D 107 30.54 -2.88 18.38
C ASP D 107 30.21 -2.15 17.09
N ILE D 108 31.15 -1.37 16.56
CA ILE D 108 30.90 -0.61 15.34
C ILE D 108 30.82 -1.54 14.14
N LYS D 109 31.58 -2.63 14.14
CA LYS D 109 31.50 -3.58 13.03
C LYS D 109 30.16 -4.31 13.02
N VAL D 110 29.68 -4.74 14.19
CA VAL D 110 28.39 -5.42 14.25
C VAL D 110 27.27 -4.45 13.89
N LEU D 111 27.28 -3.26 14.46
CA LEU D 111 26.22 -2.29 14.21
C LEU D 111 26.20 -1.85 12.75
N GLU D 112 27.37 -1.58 12.17
CA GLU D 112 27.42 -1.23 10.76
C GLU D 112 27.02 -2.39 9.87
N ASP D 113 27.30 -3.63 10.30
CA ASP D 113 26.87 -4.79 9.53
C ASP D 113 25.35 -4.89 9.50
N GLN D 114 24.71 -4.85 10.67
CA GLN D 114 23.25 -4.90 10.71
C GLN D 114 22.64 -3.72 9.95
N PHE D 115 23.25 -2.54 10.08
CA PHE D 115 22.76 -1.37 9.37
C PHE D 115 22.80 -1.58 7.87
N ASP D 116 23.94 -2.05 7.35
CA ASP D 116 24.03 -2.37 5.92
C ASP D 116 22.96 -3.37 5.51
N GLU D 117 22.79 -4.43 6.30
CA GLU D 117 21.74 -5.41 6.04
C GLU D 117 20.39 -4.74 5.86
N ILE D 118 20.03 -3.83 6.77
CA ILE D 118 18.71 -3.22 6.67
C ILE D 118 18.64 -2.20 5.54
N ILE D 119 19.77 -1.62 5.13
CA ILE D 119 19.75 -0.67 4.02
C ILE D 119 19.49 -1.40 2.71
N VAL D 120 20.26 -2.47 2.45
CA VAL D 120 20.03 -3.22 1.22
C VAL D 120 18.66 -3.90 1.26
N ASP D 121 18.19 -4.29 2.45
CA ASP D 121 16.89 -4.95 2.55
C ASP D 121 15.76 -3.98 2.24
N ILE D 122 15.74 -2.82 2.90
CA ILE D 122 14.68 -1.85 2.63
C ILE D 122 14.77 -1.33 1.21
N ALA D 123 15.99 -1.28 0.64
CA ALA D 123 16.13 -0.90 -0.76
C ALA D 123 15.44 -1.92 -1.66
N THR D 124 15.69 -3.21 -1.41
CA THR D 124 15.03 -4.26 -2.19
C THR D 124 13.51 -4.19 -2.03
N LYS D 125 13.03 -3.92 -0.82
CA LYS D 125 11.59 -3.78 -0.61
C LYS D 125 11.03 -2.64 -1.46
N ARG D 126 11.63 -1.46 -1.35
CA ARG D 126 11.19 -0.31 -2.15
C ARG D 126 11.20 -0.63 -3.64
N LYS D 127 12.19 -1.40 -4.09
CA LYS D 127 12.33 -1.70 -5.51
C LYS D 127 11.26 -2.67 -5.99
N GLN D 128 11.27 -3.91 -5.51
CA GLN D 128 10.47 -4.97 -6.11
C GLN D 128 9.21 -5.31 -5.34
N TYR D 129 8.90 -4.59 -4.25
CA TYR D 129 7.64 -4.90 -3.57
C TYR D 129 6.44 -4.24 -4.24
N PRO D 130 6.49 -2.95 -4.62
CA PRO D 130 5.36 -2.37 -5.35
C PRO D 130 5.05 -3.08 -6.66
N ARG D 131 6.01 -3.78 -7.26
CA ARG D 131 5.75 -4.49 -8.50
C ARG D 131 4.93 -5.74 -8.25
N LYS D 132 5.28 -6.52 -7.24
CA LYS D 132 4.51 -7.72 -6.93
C LYS D 132 3.14 -7.36 -6.37
N ILE D 133 3.08 -6.36 -5.50
CA ILE D 133 1.78 -5.88 -5.01
C ILE D 133 0.93 -5.38 -6.18
N LEU D 134 1.57 -4.71 -7.15
CA LEU D 134 0.86 -4.28 -8.35
C LEU D 134 0.34 -5.47 -9.14
N GLU D 135 1.11 -6.56 -9.17
CA GLU D 135 0.64 -7.78 -9.84
C GLU D 135 -0.60 -8.33 -9.15
N CYS D 136 -0.59 -8.38 -7.82
CA CYS D 136 -1.73 -8.93 -7.10
C CYS D 136 -2.97 -8.06 -7.27
N VAL D 137 -2.82 -6.74 -7.18
CA VAL D 137 -3.99 -5.86 -7.27
C VAL D 137 -4.51 -5.83 -8.71
N ILE D 138 -3.62 -5.86 -9.70
CA ILE D 138 -4.07 -5.87 -11.09
C ILE D 138 -4.65 -7.22 -11.45
N LYS D 139 -4.34 -8.27 -10.68
CA LYS D 139 -5.02 -9.55 -10.88
C LYS D 139 -6.42 -9.53 -10.27
N THR D 140 -6.55 -9.02 -9.03
CA THR D 140 -7.84 -9.04 -8.37
C THR D 140 -8.82 -8.03 -8.98
N ILE D 141 -8.33 -6.98 -9.63
CA ILE D 141 -9.24 -6.01 -10.25
C ILE D 141 -9.95 -6.63 -11.46
N LYS D 142 -9.16 -7.13 -12.43
CA LYS D 142 -9.76 -7.82 -13.55
C LYS D 142 -10.43 -9.13 -13.13
N ALA D 143 -10.09 -9.66 -11.96
CA ALA D 143 -10.83 -10.80 -11.43
C ALA D 143 -12.23 -10.39 -10.98
N LYS D 144 -12.34 -9.24 -10.31
CA LYS D 144 -13.66 -8.74 -9.92
C LYS D 144 -14.48 -8.33 -11.15
N GLN D 145 -13.82 -7.79 -12.18
CA GLN D 145 -14.54 -7.48 -13.40
C GLN D 145 -14.98 -8.75 -14.12
N GLU D 146 -14.15 -9.79 -14.07
CA GLU D 146 -14.52 -11.06 -14.72
C GLU D 146 -15.68 -11.72 -14.01
N ILE D 147 -15.65 -11.76 -12.67
CA ILE D 147 -16.79 -12.30 -11.93
C ILE D 147 -18.00 -11.39 -12.03
N LEU D 148 -17.80 -10.12 -12.38
CA LEU D 148 -18.93 -9.23 -12.63
C LEU D 148 -19.56 -9.49 -13.99
N LYS D 149 -18.76 -9.87 -14.99
CA LYS D 149 -19.32 -10.16 -16.31
C LYS D 149 -20.11 -11.47 -16.30
N GLN D 150 -19.62 -12.47 -15.56
CA GLN D 150 -20.34 -13.75 -15.48
C GLN D 150 -21.67 -13.62 -14.76
N TYR D 151 -21.89 -12.53 -14.03
CA TYR D 151 -23.16 -12.29 -13.37
C TYR D 151 -24.24 -11.81 -14.34
N HIS D 152 -23.87 -11.43 -15.56
CA HIS D 152 -24.85 -10.92 -16.53
C HIS D 152 -26.03 -11.84 -16.74
N PRO D 153 -25.88 -13.18 -16.80
CA PRO D 153 -27.07 -14.04 -16.72
C PRO D 153 -27.68 -14.04 -15.32
N VAL D 154 -28.33 -12.93 -14.95
CA VAL D 154 -28.99 -12.86 -13.66
C VAL D 154 -30.22 -13.76 -13.64
N VAL D 155 -30.89 -13.89 -14.79
CA VAL D 155 -32.11 -14.69 -15.01
C VAL D 155 -33.02 -14.71 -13.79
N HIS D 156 -33.84 -13.67 -13.65
CA HIS D 156 -34.92 -13.67 -12.67
C HIS D 156 -36.19 -14.13 -13.37
N PRO D 157 -36.77 -15.28 -13.01
CA PRO D 157 -37.86 -15.86 -13.82
C PRO D 157 -39.08 -14.97 -13.94
N LEU D 158 -39.80 -14.75 -12.84
CA LEU D 158 -41.03 -13.94 -12.81
C LEU D 158 -42.08 -14.64 -13.70
N ASP D 159 -43.03 -13.87 -14.24
CA ASP D 159 -44.16 -14.35 -15.03
C ASP D 159 -44.74 -15.67 -14.56
N LEU D 160 -45.33 -15.66 -13.37
CA LEU D 160 -46.06 -16.82 -12.87
C LEU D 160 -47.28 -17.10 -13.75
N LYS D 161 -48.05 -16.06 -14.04
CA LYS D 161 -49.18 -16.09 -14.97
C LYS D 161 -50.36 -16.91 -14.47
N TYR D 162 -51.32 -17.16 -15.35
CA TYR D 162 -52.59 -17.79 -15.01
C TYR D 162 -52.91 -18.83 -16.07
N ASP D 163 -54.10 -19.50 -15.91
CA ASP D 163 -54.72 -20.53 -16.72
C ASP D 163 -55.51 -19.90 -17.86
N PRO D 164 -55.40 -20.44 -19.08
CA PRO D 164 -56.14 -19.86 -20.21
C PRO D 164 -57.47 -20.55 -20.48
N ASP D 165 -58.53 -19.74 -20.66
CA ASP D 165 -59.82 -20.27 -21.08
C ASP D 165 -60.00 -19.97 -22.56
N PRO D 166 -59.93 -20.98 -23.44
CA PRO D 166 -59.95 -20.69 -24.88
C PRO D 166 -61.36 -20.39 -25.39
N ALA D 167 -61.70 -20.94 -26.56
CA ALA D 167 -62.99 -20.68 -27.20
C ALA D 167 -63.74 -21.98 -27.46
N PRO D 168 -64.18 -22.69 -26.40
CA PRO D 168 -65.12 -23.80 -26.62
C PRO D 168 -66.56 -23.32 -26.53
N HIS D 169 -66.83 -22.41 -25.59
CA HIS D 169 -68.15 -21.79 -25.45
C HIS D 169 -68.21 -20.39 -26.04
N MET D 170 -67.06 -19.83 -26.44
CA MET D 170 -67.07 -18.55 -27.13
C MET D 170 -67.82 -18.65 -28.45
N GLU D 171 -67.49 -19.65 -29.26
CA GLU D 171 -68.26 -19.91 -30.48
C GLU D 171 -69.69 -20.30 -30.15
N ASN D 172 -69.90 -20.96 -29.01
CA ASN D 172 -71.26 -21.29 -28.57
C ASN D 172 -72.04 -20.03 -28.22
N LEU D 173 -71.39 -19.06 -27.58
CA LEU D 173 -72.05 -17.80 -27.27
C LEU D 173 -72.33 -17.01 -28.55
N LYS D 174 -71.44 -17.08 -29.53
CA LYS D 174 -71.68 -16.40 -30.80
C LYS D 174 -72.84 -17.03 -31.56
N CYS D 175 -72.92 -18.36 -31.58
CA CYS D 175 -74.04 -19.02 -32.24
C CYS D 175 -75.35 -18.76 -31.51
N ARG D 176 -75.31 -18.75 -30.18
CA ARG D 176 -76.50 -18.39 -29.41
C ARG D 176 -76.95 -16.98 -29.73
N GLY D 177 -76.00 -16.05 -29.86
CA GLY D 177 -76.34 -14.70 -30.27
C GLY D 177 -76.87 -14.61 -31.68
N GLU D 178 -76.46 -15.54 -32.55
CA GLU D 178 -77.06 -15.62 -33.88
C GLU D 178 -78.52 -16.05 -33.79
N THR D 179 -78.78 -17.11 -33.02
CA THR D 179 -80.15 -17.59 -32.86
C THR D 179 -81.05 -16.50 -32.29
N VAL D 180 -80.60 -15.83 -31.23
CA VAL D 180 -81.42 -14.79 -30.62
C VAL D 180 -81.57 -13.60 -31.56
N ALA D 181 -80.50 -13.24 -32.27
CA ALA D 181 -80.55 -12.08 -33.16
C ALA D 181 -81.55 -12.29 -34.28
N LYS D 182 -81.43 -13.40 -35.02
CA LYS D 182 -82.38 -13.66 -36.10
C LYS D 182 -83.77 -13.94 -35.56
N GLU D 183 -83.87 -14.48 -34.34
CA GLU D 183 -85.18 -14.75 -33.75
C GLU D 183 -85.92 -13.46 -33.46
N ILE D 184 -85.24 -12.47 -32.86
CA ILE D 184 -85.91 -11.19 -32.61
C ILE D 184 -86.09 -10.40 -33.90
N SER D 185 -85.26 -10.64 -34.91
CA SER D 185 -85.48 -10.02 -36.21
C SER D 185 -86.79 -10.52 -36.82
N GLU D 186 -86.99 -11.85 -36.84
CA GLU D 186 -88.24 -12.39 -37.35
C GLU D 186 -89.42 -12.04 -36.47
N ALA D 187 -89.20 -11.90 -35.16
CA ALA D 187 -90.27 -11.44 -34.27
C ALA D 187 -90.71 -10.03 -34.62
N MET D 188 -89.74 -9.13 -34.81
CA MET D 188 -90.06 -7.77 -35.25
C MET D 188 -90.62 -7.74 -36.66
N LYS D 189 -90.40 -8.79 -37.45
CA LYS D 189 -91.02 -8.86 -38.78
C LYS D 189 -92.48 -9.29 -38.71
N SER D 190 -92.79 -10.25 -37.84
CA SER D 190 -94.13 -10.83 -37.81
C SER D 190 -95.07 -10.17 -36.79
N LEU D 191 -94.56 -9.30 -35.91
CA LEU D 191 -95.43 -8.69 -34.91
C LEU D 191 -96.31 -7.59 -35.50
N PRO D 192 -95.78 -6.65 -36.31
CA PRO D 192 -96.66 -5.65 -36.94
C PRO D 192 -97.68 -6.25 -37.89
N ALA D 193 -97.47 -7.48 -38.39
CA ALA D 193 -98.52 -8.15 -39.14
C ALA D 193 -99.66 -8.57 -38.23
N LEU D 194 -99.33 -8.97 -36.99
CA LEU D 194 -100.38 -9.26 -36.01
C LEU D 194 -101.09 -7.99 -35.58
N ILE D 195 -100.37 -6.86 -35.49
CA ILE D 195 -101.04 -5.58 -35.28
C ILE D 195 -101.93 -5.26 -36.48
N GLU D 196 -101.54 -5.71 -37.67
CA GLU D 196 -102.35 -5.47 -38.86
C GLU D 196 -103.64 -6.26 -38.81
N GLN D 197 -103.57 -7.53 -38.40
CA GLN D 197 -104.79 -8.32 -38.21
C GLN D 197 -105.64 -7.75 -37.08
N GLY D 198 -105.00 -7.17 -36.07
CA GLY D 198 -105.73 -6.60 -34.95
C GLY D 198 -106.58 -5.40 -35.32
N GLU D 199 -105.95 -4.37 -35.89
CA GLU D 199 -106.67 -3.18 -36.28
C GLU D 199 -107.59 -3.41 -37.48
N GLY D 200 -107.44 -4.54 -38.18
CA GLY D 200 -108.38 -4.87 -39.25
C GLY D 200 -109.72 -5.38 -38.77
N PHE D 201 -109.77 -5.92 -37.56
CA PHE D 201 -111.02 -6.40 -36.96
C PHE D 201 -111.62 -5.40 -35.99
N SER D 202 -111.02 -4.21 -35.85
CA SER D 202 -111.49 -3.21 -34.90
C SER D 202 -112.51 -2.25 -35.48
N GLN D 203 -112.78 -2.32 -36.79
CA GLN D 203 -113.73 -1.42 -37.41
C GLN D 203 -114.91 -2.17 -37.99
N VAL D 204 -114.77 -2.66 -39.22
CA VAL D 204 -115.83 -3.41 -39.87
C VAL D 204 -115.36 -4.82 -40.18
N LEU E 11 54.87 -8.28 10.39
CA LEU E 11 53.67 -8.23 9.57
C LEU E 11 52.44 -8.60 10.39
N ASP E 12 51.30 -8.70 9.71
CA ASP E 12 49.98 -9.00 10.28
C ASP E 12 49.46 -7.89 11.19
N HIS E 13 50.17 -6.77 11.31
CA HIS E 13 49.69 -5.61 12.05
C HIS E 13 49.15 -4.59 11.05
N LEU E 14 47.88 -4.24 11.19
CA LEU E 14 47.21 -3.45 10.17
C LEU E 14 46.15 -2.57 10.83
N LYS E 15 45.40 -1.85 9.98
CA LYS E 15 44.21 -1.13 10.38
C LYS E 15 43.00 -1.97 9.98
N ASN E 16 42.14 -2.29 10.94
CA ASN E 16 41.06 -3.23 10.72
C ASN E 16 39.66 -2.65 10.85
N GLY E 17 39.48 -1.59 11.66
CA GLY E 17 38.15 -1.05 11.86
C GLY E 17 37.55 -0.52 10.57
N TYR E 18 38.24 0.42 9.94
CA TYR E 18 37.77 1.19 8.78
C TYR E 18 36.28 1.52 8.85
N ARG E 19 35.96 2.63 9.51
CA ARG E 19 34.58 3.07 9.63
C ARG E 19 33.98 3.29 8.24
N ARG E 20 32.75 2.82 8.07
CA ARG E 20 32.11 2.88 6.76
C ARG E 20 31.36 4.20 6.53
N ARG E 21 30.59 4.67 7.53
CA ARG E 21 29.78 5.87 7.39
C ARG E 21 29.92 6.74 8.64
N PHE E 22 31.08 7.37 8.79
CA PHE E 22 31.37 8.20 9.97
C PHE E 22 32.05 9.49 9.53
N CYS E 23 31.32 10.60 9.63
CA CYS E 23 31.88 11.95 9.55
C CYS E 23 32.62 12.23 8.25
N ARG E 24 31.88 12.63 7.21
CA ARG E 24 32.47 13.06 5.93
C ARG E 24 31.45 13.94 5.22
N PRO E 25 31.88 15.01 4.54
CA PRO E 25 30.91 15.88 3.86
C PRO E 25 30.26 15.23 2.65
N SER E 26 29.33 15.94 2.01
CA SER E 26 28.56 15.45 0.89
C SER E 26 28.94 16.23 -0.38
N ARG E 27 28.01 16.30 -1.33
CA ARG E 27 28.26 16.99 -2.60
C ARG E 27 28.38 18.49 -2.40
N THR E 33 28.40 16.92 -6.60
CA THR E 33 28.61 18.22 -7.21
C THR E 33 28.06 18.24 -8.63
N GLU E 34 27.34 19.31 -8.98
CA GLU E 34 26.71 19.43 -10.28
C GLU E 34 27.73 19.85 -11.34
N GLN E 35 27.30 20.68 -12.30
CA GLN E 35 28.16 21.10 -13.38
C GLN E 35 29.41 21.81 -12.86
N GLY E 36 30.54 21.10 -12.82
CA GLY E 36 31.75 21.65 -12.25
C GLY E 36 33.00 21.49 -13.10
N GLN E 37 32.95 22.00 -14.32
CA GLN E 37 34.13 22.09 -15.19
C GLN E 37 34.74 20.73 -15.51
N ASN E 38 33.91 19.69 -15.58
CA ASN E 38 34.23 18.37 -16.14
C ASN E 38 35.17 17.54 -15.26
N VAL E 39 35.25 17.86 -13.96
CA VAL E 39 35.71 16.99 -12.86
C VAL E 39 37.11 16.39 -13.02
N LEU E 40 37.81 16.67 -14.12
CA LEU E 40 39.23 16.33 -14.15
C LEU E 40 39.98 17.14 -13.10
N GLU E 41 39.69 18.45 -13.06
CA GLU E 41 40.23 19.32 -12.04
C GLU E 41 39.94 18.80 -10.64
N ILE E 42 38.70 18.35 -10.39
CA ILE E 42 38.37 17.83 -9.07
C ILE E 42 39.06 16.49 -8.83
N LEU E 43 39.45 15.78 -9.89
CA LEU E 43 40.23 14.55 -9.71
C LEU E 43 41.63 14.88 -9.20
N GLN E 44 42.32 15.82 -9.86
CA GLN E 44 43.65 16.19 -9.37
C GLN E 44 43.57 16.94 -8.03
N ASP E 45 42.44 17.60 -7.75
CA ASP E 45 42.32 18.41 -6.55
C ASP E 45 41.91 17.62 -5.33
N CYS E 46 41.17 16.52 -5.50
CA CYS E 46 40.85 15.68 -4.35
C CYS E 46 42.10 15.02 -3.80
N PHE E 47 43.02 14.64 -4.68
CA PHE E 47 44.35 14.23 -4.26
C PHE E 47 45.20 15.46 -3.92
N GLU E 48 46.38 15.21 -3.37
CA GLU E 48 47.27 16.27 -2.89
C GLU E 48 46.54 17.18 -1.90
N GLU E 49 46.14 16.58 -0.78
CA GLU E 49 45.33 17.28 0.21
C GLU E 49 46.15 17.65 1.44
N LYS E 50 46.26 16.74 2.41
CA LYS E 50 46.93 17.02 3.67
C LYS E 50 47.59 15.74 4.16
N SER E 51 48.89 15.62 3.93
CA SER E 51 49.68 14.48 4.40
C SER E 51 51.14 14.73 4.12
N LEU E 52 52.00 14.35 5.06
CA LEU E 52 53.44 14.40 4.88
C LEU E 52 54.05 13.10 5.41
N ALA E 53 55.26 12.81 4.94
CA ALA E 53 55.96 11.60 5.35
C ALA E 53 56.44 11.69 6.80
#